data_8DFQ
#
_entry.id   8DFQ
#
_cell.length_a   1.00
_cell.length_b   1.00
_cell.length_c   1.00
_cell.angle_alpha   90.00
_cell.angle_beta   90.00
_cell.angle_gamma   90.00
#
_symmetry.space_group_name_H-M   'P 1'
#
loop_
_entity.id
_entity.type
_entity.pdbx_description
1 polymer 'Isoform 2 of Mast/stem cell growth factor receptor Kit'
2 polymer 'Soluble KIT ligand'
3 branched 2-acetamido-2-deoxy-beta-D-glucopyranose-(1-4)-2-acetamido-2-deoxy-beta-D-glucopyranose
4 non-polymer 2-acetamido-2-deoxy-beta-D-glucopyranose
#
loop_
_entity_poly.entity_id
_entity_poly.type
_entity_poly.pdbx_seq_one_letter_code
_entity_poly.pdbx_strand_id
1 'polypeptide(L)'
;MTILCWLALLSTLTAVNADYKDDDDKRPHAMGEPSPPSIHPGKSDLIVRVGDEIRLLCTDPGFVKWTFEILDETNENKQN
EWITEKAEATNTGKYTCTNKHGLSNSIYVFVRDPAKLFLVDRSLYGKEDNDTLVRCPLTDPEVTNYSLKGCQGKPLPKDL
RFIPDPKAGIMIKSVKRAYHRLCLHCSVDQEGKSVLSEKFILKVRPAFKAVPVVSVSKASYLLREGEEFTVTCTIKDVSS
SVYSTWKRENSQTKLQEKYNSWHHGDFNYERQATLTISSARVNDSGVFMCYANNTFGSANVTTTLEVVDKGFINIFPMIN
TTVFVNDGENVDLIVEYEAFPKPEHQQWIYMNRTFTDKWEDYPKSENESNIRYVSELHLTRLKGTEGGTYTFLVSNSDVN
AAIAFNVYVNTKPEILIRLVNGMLQCVAAGFPEPTIDWYFCPGTEQRCSASVLPVDVQTLNSSGPPFGKLVVQSSIDSSA
FKHNGTVECKAYNDVGKTSAYFNFAFKEQIHPHTLFTPLLIGFVIVAGMMCIIVMILTYKYLQKPMYEVQWKVVEEINGN
NYVYIDPTQLPYDHKWEFPRNRLSFGKTLGAGAFGKVVEATAYGLIKSDAAMTVAVAMLKPSAHLTEREALMSELKVLSY
LGNHMNIVNLLGACTIGGPTLVITEYCCYGDLLNFLRRKRDSFICSKQEDHAEAALYKNLLHSKESSCSDSTNEYMDMKP
GVSYVVPTKADKRRSVRIGSYIERDVTPAIMEDDELALDLEDLLSFSYQVAKGMAFLASKNCIHRDLAARNILLTHGRIT
KICDFGLARDIKNDSNYVVKGNARLPVKWMAPESIFNCVYTFESDVWSYGIFLWELFSLGSSPYPGMPVDSKFYKMIKEG
FRMLSPEHAPAEMYDIMKTCWDADPLKRPTFKQIVQLIEKQISESTNHIYSNLANCSPNRQKPVVDHSVRINSVGSTASS
SQPLLVHDDVGSHHHHHH
;
A,B
2 'polypeptide(L)'
;EGICRNRVTNNVKDVTKLVANLPKDYMITLKYVPGMDVLPSHCWISEMVVQLSDSLTDLLDKFSNISEGLSNYSIIDKLV
NIVDDLVECVKENSSKDLKKSFKSPEPRLFTPEEFFRIFNRSIDAFKDFVVASETSDCVVS
;
C,D
#
loop_
_chem_comp.id
_chem_comp.type
_chem_comp.name
_chem_comp.formula
NAG D-saccharide, beta linking 2-acetamido-2-deoxy-beta-D-glucopyranose 'C8 H15 N O6'
#
# COMPACT_ATOMS: atom_id res chain seq x y z
N PRO A 36 57.16 11.26 -53.48
CA PRO A 36 55.80 10.99 -52.99
C PRO A 36 54.87 10.37 -54.05
N PRO A 37 53.92 9.56 -53.58
CA PRO A 37 53.39 8.47 -54.42
C PRO A 37 52.36 8.95 -55.44
N SER A 38 52.14 8.09 -56.43
CA SER A 38 51.32 8.41 -57.59
C SER A 38 50.32 7.29 -57.86
N ILE A 39 49.09 7.66 -58.18
CA ILE A 39 47.94 6.76 -58.11
C ILE A 39 47.16 6.91 -59.41
N HIS A 40 46.77 5.79 -60.00
CA HIS A 40 46.05 5.83 -61.26
C HIS A 40 44.70 5.13 -61.19
N PRO A 41 43.65 5.72 -61.79
CA PRO A 41 43.62 7.09 -62.35
C PRO A 41 43.73 8.20 -61.30
N GLY A 42 44.27 9.34 -61.76
CA GLY A 42 44.63 10.47 -60.92
C GLY A 42 43.60 11.54 -60.60
N LYS A 43 42.31 11.22 -60.53
CA LYS A 43 41.37 12.13 -59.91
C LYS A 43 41.28 11.92 -58.40
N SER A 44 40.71 12.93 -57.72
CA SER A 44 40.41 12.87 -56.29
C SER A 44 39.22 11.98 -55.96
N ASP A 45 38.66 11.23 -56.90
CA ASP A 45 37.71 10.18 -56.57
C ASP A 45 37.57 9.26 -57.78
N LEU A 46 36.63 8.32 -57.68
CA LEU A 46 36.09 7.65 -58.86
C LEU A 46 34.68 7.16 -58.54
N ILE A 47 33.84 7.12 -59.57
CA ILE A 47 32.43 6.81 -59.41
C ILE A 47 32.08 5.69 -60.41
N VAL A 48 31.45 4.64 -59.90
CA VAL A 48 31.46 3.35 -60.57
C VAL A 48 30.08 2.71 -60.48
N ARG A 49 29.68 2.00 -61.54
CA ARG A 49 28.43 1.25 -61.55
C ARG A 49 28.51 0.05 -60.60
N VAL A 50 27.35 -0.29 -60.02
CA VAL A 50 27.22 -1.56 -59.31
C VAL A 50 27.62 -2.71 -60.22
N GLY A 51 28.47 -3.60 -59.71
CA GLY A 51 29.00 -4.74 -60.43
C GLY A 51 30.25 -4.49 -61.26
N ASP A 52 30.69 -3.25 -61.42
CA ASP A 52 31.86 -2.97 -62.26
C ASP A 52 33.16 -3.37 -61.57
N GLU A 53 34.08 -3.96 -62.33
CA GLU A 53 35.39 -4.31 -61.77
C GLU A 53 36.19 -3.03 -61.49
N ILE A 54 36.75 -2.95 -60.28
CA ILE A 54 37.37 -1.72 -59.79
C ILE A 54 38.89 -1.88 -59.82
N ARG A 55 39.57 -1.00 -60.58
CA ARG A 55 40.94 -1.27 -61.01
C ARG A 55 41.85 -0.10 -60.67
N LEU A 56 43.03 -0.43 -60.13
CA LEU A 56 43.93 0.53 -59.52
C LEU A 56 45.36 0.05 -59.69
N LEU A 57 46.29 0.99 -59.85
CA LEU A 57 47.66 0.74 -59.41
C LEU A 57 48.21 1.91 -58.61
N CYS A 58 48.76 1.57 -57.44
CA CYS A 58 49.55 2.49 -56.62
C CYS A 58 50.95 2.51 -57.21
N THR A 59 51.34 3.66 -57.73
CA THR A 59 52.55 3.81 -58.56
C THR A 59 53.68 4.40 -57.72
N ASP A 60 54.57 3.54 -57.24
CA ASP A 60 55.79 4.00 -56.61
C ASP A 60 56.86 2.93 -56.73
N PRO A 61 58.13 3.31 -56.88
CA PRO A 61 59.21 2.41 -56.47
C PRO A 61 59.24 2.23 -54.96
N GLY A 62 58.72 3.21 -54.23
CA GLY A 62 58.49 3.13 -52.79
C GLY A 62 57.10 2.63 -52.43
N PHE A 63 56.63 1.56 -53.08
CA PHE A 63 55.38 0.93 -52.68
C PHE A 63 55.52 0.03 -51.45
N VAL A 64 54.55 0.16 -50.54
CA VAL A 64 54.45 -0.71 -49.36
C VAL A 64 53.12 -1.46 -49.34
N LYS A 65 52.01 -0.74 -49.48
CA LYS A 65 50.70 -1.37 -49.34
C LYS A 65 49.60 -0.49 -49.93
N TRP A 66 48.43 -1.09 -50.14
CA TRP A 66 47.17 -0.37 -50.12
C TRP A 66 46.45 -0.58 -48.79
N THR A 67 45.83 0.50 -48.33
CA THR A 67 45.19 0.56 -47.02
C THR A 67 43.78 1.09 -47.24
N PHE A 68 42.79 0.36 -46.75
CA PHE A 68 41.39 0.64 -47.08
C PHE A 68 40.55 0.64 -45.82
N GLU A 69 39.61 1.57 -45.72
CA GLU A 69 38.67 1.50 -44.61
C GLU A 69 37.50 2.46 -44.80
N ILE A 70 36.42 2.15 -44.07
CA ILE A 70 35.38 3.11 -43.74
C ILE A 70 34.64 2.54 -42.54
N LEU A 71 33.97 3.41 -41.78
CA LEU A 71 33.37 3.03 -40.48
C LEU A 71 34.40 2.25 -39.67
N ASP A 72 34.06 1.10 -39.09
CA ASP A 72 35.01 0.24 -38.41
C ASP A 72 35.85 -0.60 -39.36
N GLU A 73 35.25 -1.15 -40.42
CA GLU A 73 35.93 -2.15 -41.24
C GLU A 73 37.18 -1.59 -41.91
N THR A 74 38.25 -2.40 -41.91
CA THR A 74 39.56 -1.98 -42.38
C THR A 74 40.30 -3.16 -42.98
N ASN A 75 41.10 -2.89 -44.02
CA ASN A 75 41.87 -3.92 -44.70
C ASN A 75 43.20 -3.36 -45.19
N GLU A 76 44.23 -4.22 -45.18
CA GLU A 76 45.52 -3.93 -45.79
C GLU A 76 45.90 -5.08 -46.71
N ASN A 77 46.52 -4.75 -47.85
CA ASN A 77 46.91 -5.77 -48.82
C ASN A 77 48.21 -5.40 -49.50
N LYS A 78 48.97 -6.43 -49.88
CA LYS A 78 50.35 -6.29 -50.32
C LYS A 78 50.51 -6.05 -51.82
N GLN A 79 49.47 -6.23 -52.64
CA GLN A 79 49.58 -5.92 -54.06
C GLN A 79 49.61 -4.42 -54.30
N ASN A 80 50.52 -3.97 -55.18
CA ASN A 80 50.53 -2.56 -55.58
C ASN A 80 49.54 -2.25 -56.70
N GLU A 81 49.19 -3.20 -57.54
CA GLU A 81 47.88 -3.13 -58.17
C GLU A 81 46.81 -3.40 -57.11
N TRP A 82 45.63 -2.80 -57.29
CA TRP A 82 44.45 -3.20 -56.52
C TRP A 82 43.27 -3.40 -57.46
N ILE A 83 42.55 -4.51 -57.29
CA ILE A 83 41.67 -5.04 -58.31
C ILE A 83 40.46 -5.66 -57.63
N THR A 84 39.27 -5.49 -58.22
CA THR A 84 38.08 -6.19 -57.77
C THR A 84 37.30 -6.74 -58.95
N GLU A 85 36.69 -7.91 -58.75
CA GLU A 85 35.93 -8.58 -59.79
C GLU A 85 34.63 -7.84 -60.14
N LYS A 86 33.95 -7.29 -59.14
CA LYS A 86 32.70 -6.56 -59.41
C LYS A 86 32.33 -5.71 -58.21
N ALA A 87 32.09 -4.42 -58.46
CA ALA A 87 31.88 -3.44 -57.41
C ALA A 87 30.63 -3.75 -56.58
N GLU A 88 30.82 -3.86 -55.27
CA GLU A 88 29.73 -3.86 -54.30
C GLU A 88 29.68 -2.53 -53.57
N ALA A 89 28.50 -2.21 -53.04
CA ALA A 89 28.33 -0.96 -52.29
C ALA A 89 29.36 -0.85 -51.17
N THR A 90 29.63 -1.97 -50.49
CA THR A 90 30.59 -2.02 -49.39
C THR A 90 32.02 -1.66 -49.79
N ASN A 91 32.35 -1.65 -51.07
CA ASN A 91 33.66 -1.12 -51.47
C ASN A 91 33.77 0.38 -51.32
N THR A 92 32.65 1.07 -51.15
CA THR A 92 32.62 2.53 -51.09
C THR A 92 33.48 3.05 -49.93
N GLY A 93 34.38 3.97 -50.23
CA GLY A 93 35.13 4.62 -49.16
C GLY A 93 36.50 5.08 -49.62
N LYS A 94 37.38 5.26 -48.63
CA LYS A 94 38.75 5.73 -48.82
C LYS A 94 39.76 4.61 -48.98
N TYR A 95 40.69 4.82 -49.90
CA TYR A 95 41.75 3.89 -50.27
C TYR A 95 43.05 4.67 -50.23
N THR A 96 44.11 4.08 -49.69
CA THR A 96 45.31 4.87 -49.50
C THR A 96 46.55 4.08 -49.86
N CYS A 97 47.33 4.68 -50.76
CA CYS A 97 48.55 4.13 -51.30
C CYS A 97 49.70 4.42 -50.33
N THR A 98 50.38 3.37 -49.90
CA THR A 98 51.24 3.37 -48.71
C THR A 98 52.68 3.16 -49.15
N ASN A 99 53.60 4.03 -48.73
CA ASN A 99 54.87 4.14 -49.44
C ASN A 99 56.07 4.29 -48.49
N LYS A 100 57.24 4.28 -49.13
CA LYS A 100 58.52 4.03 -48.48
C LYS A 100 58.99 5.19 -47.59
N HIS A 101 58.63 6.43 -47.91
CA HIS A 101 58.82 7.52 -46.97
C HIS A 101 57.80 7.54 -45.85
N GLY A 102 56.67 6.86 -46.02
CA GLY A 102 55.46 7.25 -45.34
C GLY A 102 54.78 8.46 -45.92
N LEU A 103 55.38 9.09 -46.93
CA LEU A 103 54.60 9.83 -47.91
C LEU A 103 53.51 8.92 -48.47
N SER A 104 52.35 9.52 -48.75
CA SER A 104 51.14 8.74 -49.01
C SER A 104 50.26 9.53 -49.97
N ASN A 105 49.34 8.83 -50.63
CA ASN A 105 48.28 9.51 -51.35
C ASN A 105 47.01 8.66 -51.35
N SER A 106 45.88 9.37 -51.38
CA SER A 106 44.57 8.78 -51.13
C SER A 106 43.58 9.15 -52.21
N ILE A 107 42.69 8.22 -52.51
CA ILE A 107 41.63 8.37 -53.48
C ILE A 107 40.39 7.72 -52.86
N TYR A 108 39.23 8.29 -53.11
CA TYR A 108 38.01 7.91 -52.39
C TYR A 108 36.93 7.60 -53.42
N VAL A 109 36.22 6.49 -53.20
CA VAL A 109 35.56 5.76 -54.27
C VAL A 109 34.10 5.51 -53.92
N PHE A 110 33.23 5.71 -54.90
CA PHE A 110 31.78 5.73 -54.70
C PHE A 110 31.17 4.73 -55.67
N VAL A 111 30.09 4.08 -55.25
CA VAL A 111 29.37 3.15 -56.11
C VAL A 111 27.89 3.51 -56.11
N ARG A 112 27.34 3.75 -57.30
CA ARG A 112 25.92 3.97 -57.46
C ARG A 112 25.20 2.63 -57.38
N ASP A 113 24.17 2.57 -56.54
CA ASP A 113 23.55 1.29 -56.22
C ASP A 113 22.12 1.52 -55.71
N PRO A 114 21.12 1.46 -56.59
CA PRO A 114 19.86 2.17 -56.34
C PRO A 114 19.06 1.65 -55.14
N ALA A 115 19.46 0.56 -54.49
CA ALA A 115 18.76 0.14 -53.28
C ALA A 115 19.22 0.89 -52.03
N LYS A 116 20.49 1.26 -51.91
CA LYS A 116 21.10 1.59 -50.60
C LYS A 116 21.88 2.90 -50.68
N LEU A 117 21.17 4.03 -50.58
CA LEU A 117 21.81 5.34 -50.56
C LEU A 117 22.62 5.56 -49.29
N PHE A 118 22.20 4.99 -48.17
CA PHE A 118 22.88 5.12 -46.89
C PHE A 118 23.72 3.89 -46.54
N LEU A 119 24.81 4.14 -45.81
CA LEU A 119 25.45 3.12 -44.98
C LEU A 119 25.46 3.66 -43.55
N VAL A 120 25.29 2.79 -42.56
CA VAL A 120 24.93 3.24 -41.22
C VAL A 120 25.66 2.46 -40.15
N ASP A 121 26.08 3.17 -39.09
CA ASP A 121 26.37 2.58 -37.79
C ASP A 121 25.27 3.01 -36.84
N ARG A 122 24.60 2.04 -36.22
CA ARG A 122 23.46 2.31 -35.36
C ARG A 122 23.84 2.87 -33.98
N SER A 123 25.05 2.64 -33.50
CA SER A 123 25.44 3.07 -32.16
C SER A 123 25.69 4.57 -32.07
N LEU A 124 25.23 5.19 -30.99
CA LEU A 124 25.39 6.62 -30.82
C LEU A 124 25.49 7.02 -29.35
N TYR A 125 26.46 7.87 -29.02
CA TYR A 125 26.65 8.38 -27.67
C TYR A 125 27.21 9.79 -27.71
N GLY A 126 26.78 10.63 -26.76
CA GLY A 126 27.29 11.99 -26.67
C GLY A 126 27.68 12.41 -25.26
N LYS A 127 28.87 12.99 -25.10
CA LYS A 127 29.24 13.68 -23.86
C LYS A 127 28.56 15.04 -23.80
N GLU A 128 27.92 15.32 -22.66
CA GLU A 128 27.17 16.56 -22.49
C GLU A 128 27.96 17.79 -22.93
N ASP A 129 27.34 18.61 -23.77
CA ASP A 129 27.86 19.89 -24.26
C ASP A 129 29.00 19.81 -25.28
N ASN A 130 29.52 18.63 -25.63
CA ASN A 130 30.36 18.54 -26.82
C ASN A 130 29.50 18.35 -28.06
N ASP A 131 30.15 18.23 -29.20
CA ASP A 131 29.48 17.86 -30.45
C ASP A 131 29.64 16.37 -30.70
N THR A 132 28.83 15.87 -31.64
CA THR A 132 28.72 14.45 -31.87
C THR A 132 28.39 14.24 -33.34
N LEU A 133 28.76 13.07 -33.83
CA LEU A 133 28.84 12.82 -35.25
C LEU A 133 28.01 11.57 -35.51
N VAL A 134 27.23 11.60 -36.59
CA VAL A 134 26.15 10.65 -36.78
C VAL A 134 26.45 9.91 -38.06
N ARG A 135 26.53 8.59 -37.95
CA ARG A 135 27.26 7.76 -38.89
C ARG A 135 26.37 7.43 -40.08
N CYS A 136 26.19 8.43 -40.95
CA CYS A 136 25.24 8.32 -42.06
C CYS A 136 25.93 8.66 -43.41
N PRO A 137 27.09 8.06 -43.68
CA PRO A 137 27.77 8.31 -44.96
C PRO A 137 26.98 7.76 -46.14
N LEU A 138 27.31 8.29 -47.33
CA LEU A 138 26.43 8.27 -48.48
C LEU A 138 27.13 7.60 -49.64
N THR A 139 26.40 6.78 -50.39
CA THR A 139 27.00 5.96 -51.44
C THR A 139 27.10 6.66 -52.78
N ASP A 140 26.11 7.50 -53.11
CA ASP A 140 25.94 8.05 -54.45
C ASP A 140 25.94 9.57 -54.38
N PRO A 141 27.10 10.23 -54.51
CA PRO A 141 27.23 11.66 -54.20
C PRO A 141 26.69 12.55 -55.32
N GLU A 142 25.44 12.31 -55.71
CA GLU A 142 24.74 13.09 -56.72
C GLU A 142 23.35 13.53 -56.26
N VAL A 143 23.14 13.74 -54.96
CA VAL A 143 21.82 14.07 -54.42
C VAL A 143 21.94 15.29 -53.52
N THR A 144 20.80 15.76 -52.99
CA THR A 144 20.75 17.09 -52.40
C THR A 144 19.76 17.17 -51.25
N ASN A 145 19.70 18.37 -50.65
CA ASN A 145 18.76 18.73 -49.60
C ASN A 145 18.97 17.93 -48.33
N TYR A 146 20.22 17.73 -47.93
CA TYR A 146 20.59 16.55 -47.17
C TYR A 146 20.68 16.97 -45.72
N SER A 147 19.87 16.32 -44.89
CA SER A 147 19.37 16.96 -43.67
C SER A 147 18.65 15.90 -42.84
N LEU A 148 18.17 16.34 -41.69
CA LEU A 148 17.96 15.53 -40.50
C LEU A 148 16.53 15.77 -40.05
N LYS A 149 15.81 14.73 -39.63
CA LYS A 149 14.39 14.91 -39.39
C LYS A 149 13.86 13.96 -38.33
N GLY A 150 12.73 14.38 -37.74
CA GLY A 150 12.21 13.70 -36.57
C GLY A 150 11.57 12.37 -36.88
N CYS A 151 11.58 11.48 -35.89
CA CYS A 151 10.86 10.21 -36.01
C CYS A 151 9.35 10.42 -36.00
N GLN A 152 8.65 9.52 -36.67
CA GLN A 152 7.18 9.46 -36.67
C GLN A 152 6.54 10.82 -36.99
N GLY A 153 7.19 11.62 -37.85
CA GLY A 153 6.65 12.90 -38.27
C GLY A 153 6.69 14.02 -37.24
N LYS A 154 7.11 13.77 -36.01
CA LYS A 154 7.24 14.84 -35.03
C LYS A 154 8.28 15.87 -35.45
N PRO A 155 8.23 17.07 -34.86
CA PRO A 155 9.22 18.12 -35.16
C PRO A 155 10.50 17.95 -34.35
N LEU A 156 11.60 18.44 -34.91
CA LEU A 156 12.82 18.63 -34.15
C LEU A 156 12.65 19.78 -33.16
N PRO A 157 13.14 19.66 -31.92
CA PRO A 157 13.31 20.86 -31.11
C PRO A 157 14.23 21.84 -31.83
N LYS A 158 13.90 23.13 -31.70
CA LYS A 158 14.39 24.13 -32.64
C LYS A 158 15.90 24.38 -32.59
N ASP A 159 16.61 23.86 -31.58
CA ASP A 159 17.98 24.28 -31.33
C ASP A 159 19.08 23.44 -31.97
N LEU A 160 18.80 22.28 -32.57
CA LEU A 160 19.88 21.40 -33.03
C LEU A 160 20.43 21.89 -34.37
N ARG A 161 21.26 22.93 -34.28
CA ARG A 161 22.10 23.33 -35.40
C ARG A 161 23.03 22.19 -35.80
N PHE A 162 23.04 21.85 -37.08
CA PHE A 162 23.71 20.65 -37.58
C PHE A 162 24.36 20.92 -38.93
N ILE A 163 25.44 20.18 -39.20
CA ILE A 163 26.33 20.43 -40.34
C ILE A 163 26.52 19.13 -41.10
N PRO A 164 26.50 19.13 -42.43
CA PRO A 164 26.85 17.93 -43.19
C PRO A 164 28.34 17.86 -43.53
N ASP A 165 28.77 16.64 -43.79
CA ASP A 165 29.92 16.37 -44.68
C ASP A 165 29.63 15.03 -45.34
N PRO A 166 29.21 15.02 -46.61
CA PRO A 166 28.84 13.74 -47.24
C PRO A 166 29.99 12.75 -47.31
N LYS A 167 31.24 13.20 -47.15
CA LYS A 167 32.33 12.24 -47.00
C LYS A 167 32.13 11.33 -45.79
N ALA A 168 31.63 11.87 -44.69
CA ALA A 168 30.90 11.01 -43.77
C ALA A 168 29.98 11.82 -42.86
N GLY A 169 28.79 11.26 -42.64
CA GLY A 169 27.99 11.62 -41.49
C GLY A 169 27.37 12.99 -41.50
N ILE A 170 26.73 13.29 -40.37
CA ILE A 170 26.14 14.57 -40.06
C ILE A 170 26.61 14.87 -38.65
N MET A 171 26.88 16.13 -38.36
CA MET A 171 27.36 16.49 -37.04
C MET A 171 26.37 17.39 -36.34
N ILE A 172 26.28 17.20 -35.03
CA ILE A 172 25.29 17.84 -34.17
C ILE A 172 26.13 18.61 -33.18
N LYS A 173 25.84 19.90 -33.02
CA LYS A 173 26.65 20.67 -32.09
C LYS A 173 26.05 20.68 -30.69
N SER A 174 26.93 20.79 -29.70
CA SER A 174 26.61 21.18 -28.33
C SER A 174 25.38 20.45 -27.78
N VAL A 175 25.42 19.13 -27.85
CA VAL A 175 24.34 18.27 -27.35
C VAL A 175 23.96 18.71 -25.94
N LYS A 176 22.66 18.86 -25.67
CA LYS A 176 22.21 19.28 -24.35
C LYS A 176 21.06 18.42 -23.82
N ARG A 177 20.99 18.35 -22.49
CA ARG A 177 20.33 17.27 -21.76
C ARG A 177 18.89 16.99 -22.18
N ALA A 178 18.20 17.99 -22.74
CA ALA A 178 16.88 17.76 -23.31
C ALA A 178 16.82 16.77 -24.47
N TYR A 179 17.92 16.48 -25.14
CA TYR A 179 17.82 15.55 -26.27
C TYR A 179 17.75 14.08 -25.85
N HIS A 180 17.66 13.79 -24.55
CA HIS A 180 17.88 12.45 -24.03
C HIS A 180 16.90 11.38 -24.51
N ARG A 181 17.39 10.42 -25.28
CA ARG A 181 16.58 9.36 -25.89
C ARG A 181 15.58 9.92 -26.91
N LEU A 182 15.95 11.06 -27.50
CA LEU A 182 15.37 11.54 -28.75
C LEU A 182 15.60 10.53 -29.87
N CYS A 183 14.85 10.69 -30.97
CA CYS A 183 14.83 9.74 -32.08
C CYS A 183 14.98 10.47 -33.41
N LEU A 184 15.87 9.98 -34.29
CA LEU A 184 16.26 10.69 -35.51
C LEU A 184 16.23 9.80 -36.74
N HIS A 185 15.96 10.44 -37.88
CA HIS A 185 16.13 9.88 -39.22
C HIS A 185 17.03 10.79 -40.05
N CYS A 186 17.71 10.19 -41.02
CA CYS A 186 18.75 10.86 -41.82
C CYS A 186 18.34 10.73 -43.28
N SER A 187 18.34 11.85 -44.01
CA SER A 187 17.46 11.97 -45.17
C SER A 187 18.03 12.84 -46.27
N VAL A 188 17.70 12.48 -47.51
CA VAL A 188 18.06 13.23 -48.72
C VAL A 188 16.83 13.40 -49.60
N ASP A 189 16.77 14.53 -50.30
CA ASP A 189 15.97 14.64 -51.51
C ASP A 189 16.72 14.02 -52.70
N GLN A 190 16.07 13.08 -53.40
CA GLN A 190 16.66 12.45 -54.57
C GLN A 190 15.60 12.16 -55.61
N GLU A 191 15.79 12.67 -56.82
CA GLU A 191 14.76 12.66 -57.87
C GLU A 191 13.44 13.25 -57.40
N GLY A 192 13.51 14.22 -56.48
CA GLY A 192 12.34 14.75 -55.82
C GLY A 192 11.62 13.79 -54.90
N LYS A 193 12.02 12.53 -54.84
CA LYS A 193 11.62 11.64 -53.77
C LYS A 193 12.36 11.97 -52.49
N SER A 194 11.80 11.51 -51.36
CA SER A 194 12.38 11.70 -50.04
C SER A 194 12.70 10.35 -49.42
N VAL A 195 13.92 10.19 -48.90
CA VAL A 195 14.49 8.88 -48.62
C VAL A 195 15.10 8.90 -47.22
N LEU A 196 14.90 7.82 -46.46
CA LEU A 196 15.11 7.82 -45.02
C LEU A 196 15.95 6.63 -44.57
N SER A 197 16.89 6.91 -43.66
CA SER A 197 17.60 5.89 -42.90
C SER A 197 16.66 5.14 -41.97
N GLU A 198 17.18 4.04 -41.42
CA GLU A 198 16.63 3.45 -40.20
C GLU A 198 16.78 4.41 -39.01
N LYS A 199 16.05 4.10 -37.94
CA LYS A 199 16.06 4.91 -36.75
C LYS A 199 17.44 4.99 -36.10
N PHE A 200 17.71 6.13 -35.48
CA PHE A 200 18.82 6.30 -34.53
C PHE A 200 18.21 6.87 -33.27
N ILE A 201 18.73 6.46 -32.12
CA ILE A 201 18.19 6.89 -30.84
C ILE A 201 19.36 7.37 -29.99
N LEU A 202 19.22 8.55 -29.41
CA LEU A 202 20.38 9.33 -29.02
C LEU A 202 20.36 9.45 -27.50
N LYS A 203 21.46 9.03 -26.89
CA LYS A 203 21.57 8.92 -25.44
C LYS A 203 22.86 9.61 -25.01
N VAL A 204 22.78 10.33 -23.89
CA VAL A 204 23.70 11.40 -23.55
C VAL A 204 24.22 11.15 -22.13
N ARG A 205 25.52 11.44 -21.91
CA ARG A 205 26.11 11.20 -20.58
C ARG A 205 26.19 12.51 -19.81
N PRO A 206 25.76 12.57 -18.55
CA PRO A 206 25.71 13.86 -17.85
C PRO A 206 27.10 14.29 -17.40
N ALA A 207 27.27 15.60 -17.25
CA ALA A 207 28.48 16.17 -16.67
C ALA A 207 28.13 17.09 -15.50
N PHE A 208 28.94 17.04 -14.44
CA PHE A 208 28.48 17.35 -13.09
C PHE A 208 28.50 18.86 -12.82
N LYS A 209 27.31 19.44 -12.64
CA LYS A 209 27.21 20.84 -12.22
C LYS A 209 27.55 21.08 -10.75
N ALA A 210 27.48 20.06 -9.88
CA ALA A 210 27.35 20.32 -8.45
C ALA A 210 27.91 19.14 -7.65
N VAL A 211 28.13 19.39 -6.35
CA VAL A 211 28.69 18.39 -5.44
C VAL A 211 27.65 17.43 -4.86
N PRO A 212 28.06 16.25 -4.38
CA PRO A 212 27.11 15.26 -3.87
C PRO A 212 26.43 15.71 -2.59
N VAL A 213 25.24 15.15 -2.34
CA VAL A 213 24.35 15.62 -1.28
C VAL A 213 24.09 14.47 -0.31
N VAL A 214 24.25 14.75 0.99
CA VAL A 214 24.63 13.75 1.98
C VAL A 214 23.76 13.85 3.23
N SER A 215 23.36 12.70 3.79
CA SER A 215 22.51 12.64 4.97
C SER A 215 22.85 11.40 5.78
N VAL A 216 22.68 11.48 7.11
CA VAL A 216 23.05 10.39 8.01
C VAL A 216 21.91 10.05 8.96
N SER A 217 21.79 8.75 9.27
CA SER A 217 20.54 8.18 9.77
C SER A 217 20.14 8.71 11.15
N LYS A 218 21.09 9.04 12.03
CA LYS A 218 20.81 9.88 13.18
C LYS A 218 22.13 10.38 13.77
N ALA A 219 22.03 11.48 14.53
CA ALA A 219 23.18 12.35 14.73
C ALA A 219 24.25 11.75 15.65
N SER A 220 23.86 11.14 16.78
CA SER A 220 24.83 10.81 17.81
C SER A 220 24.32 9.68 18.70
N TYR A 221 25.25 9.00 19.38
CA TYR A 221 24.93 7.74 20.06
C TYR A 221 25.68 7.55 21.38
N LEU A 222 25.04 6.79 22.27
CA LEU A 222 25.58 6.33 23.54
C LEU A 222 25.27 4.84 23.66
N LEU A 223 26.24 4.03 24.06
CA LEU A 223 25.98 2.61 24.27
C LEU A 223 26.71 2.04 25.48
N ARG A 224 25.98 1.24 26.25
CA ARG A 224 26.62 0.34 27.22
C ARG A 224 27.51 -0.66 26.47
N GLU A 225 28.63 -1.01 27.09
CA GLU A 225 29.64 -1.81 26.41
C GLU A 225 29.04 -3.06 25.76
N GLY A 226 29.58 -3.42 24.59
CA GLY A 226 29.29 -4.67 23.92
C GLY A 226 28.07 -4.70 23.00
N GLU A 227 27.20 -3.71 23.04
CA GLU A 227 26.03 -3.70 22.17
C GLU A 227 26.42 -3.63 20.69
N GLU A 228 25.55 -4.14 19.83
CA GLU A 228 25.74 -4.00 18.38
C GLU A 228 25.41 -2.57 17.94
N PHE A 229 26.27 -2.01 17.10
CA PHE A 229 26.21 -0.60 16.71
C PHE A 229 26.13 -0.46 15.19
N THR A 230 25.21 0.38 14.72
CA THR A 230 24.83 0.38 13.31
C THR A 230 24.39 1.78 12.89
N VAL A 231 24.79 2.17 11.67
CA VAL A 231 24.53 3.52 11.15
C VAL A 231 24.36 3.42 9.63
N THR A 232 23.66 4.41 9.05
CA THR A 232 23.48 4.46 7.61
C THR A 232 23.67 5.87 7.07
N CYS A 233 24.26 5.97 5.88
CA CYS A 233 24.62 7.23 5.24
C CYS A 233 24.05 7.21 3.83
N THR A 234 23.51 8.34 3.37
CA THR A 234 22.70 8.38 2.16
C THR A 234 23.22 9.45 1.20
N ILE A 235 23.36 9.09 -0.07
CA ILE A 235 23.93 9.96 -1.09
C ILE A 235 22.97 10.00 -2.28
N LYS A 236 22.79 11.18 -2.86
CA LYS A 236 21.88 11.38 -3.97
C LYS A 236 22.58 12.16 -5.06
N ASP A 237 22.49 11.70 -6.31
CA ASP A 237 23.21 12.40 -7.37
C ASP A 237 22.73 11.97 -8.76
N VAL A 238 23.36 12.56 -9.78
CA VAL A 238 23.01 12.37 -11.18
C VAL A 238 23.52 11.06 -11.77
N SER A 239 24.47 10.39 -11.12
CA SER A 239 25.22 9.33 -11.79
C SER A 239 25.58 8.25 -10.79
N SER A 240 25.96 7.08 -11.32
CA SER A 240 26.55 6.01 -10.53
C SER A 240 28.03 6.23 -10.19
N SER A 241 28.71 7.17 -10.85
CA SER A 241 30.16 7.29 -10.72
C SER A 241 30.59 8.17 -9.56
N VAL A 242 29.71 8.44 -8.61
CA VAL A 242 30.07 9.17 -7.40
C VAL A 242 30.83 8.25 -6.45
N TYR A 243 31.72 8.83 -5.63
CA TYR A 243 32.68 8.08 -4.85
C TYR A 243 32.38 8.31 -3.38
N SER A 244 32.33 7.24 -2.58
CA SER A 244 31.85 7.39 -1.22
C SER A 244 32.51 6.38 -0.28
N THR A 245 32.90 6.85 0.90
CA THR A 245 33.70 6.07 1.83
C THR A 245 33.38 6.50 3.26
N TRP A 246 33.73 5.63 4.21
CA TRP A 246 33.71 5.95 5.64
C TRP A 246 35.11 5.84 6.20
N LYS A 247 35.47 6.80 7.04
CA LYS A 247 36.80 6.85 7.64
C LYS A 247 36.62 7.03 9.14
N ARG A 248 37.34 6.25 9.95
CA ARG A 248 37.34 6.51 11.37
C ARG A 248 38.02 7.85 11.61
N GLU A 249 37.39 8.73 12.40
CA GLU A 249 37.90 10.08 12.52
C GLU A 249 39.34 10.10 12.99
N ASN A 250 40.15 10.91 12.31
CA ASN A 250 41.60 11.01 12.52
C ASN A 250 42.29 9.64 12.41
N SER A 251 41.74 8.74 11.60
CA SER A 251 42.39 7.48 11.29
C SER A 251 42.23 7.17 9.81
N GLN A 252 43.30 6.65 9.20
CA GLN A 252 43.44 6.62 7.74
C GLN A 252 42.84 5.38 7.05
N THR A 253 42.34 4.39 7.79
CA THR A 253 42.09 3.06 7.23
C THR A 253 40.59 2.81 7.03
N LYS A 254 40.25 2.30 5.85
CA LYS A 254 38.88 1.96 5.47
C LYS A 254 38.29 0.82 6.31
N LEU A 255 37.06 1.00 6.77
CA LEU A 255 36.27 0.00 7.47
C LEU A 255 35.39 -0.79 6.49
N GLN A 256 34.80 -1.88 6.99
CA GLN A 256 33.85 -2.70 6.24
C GLN A 256 32.48 -2.04 6.13
N GLU A 257 31.95 -1.98 4.90
CA GLU A 257 30.65 -1.38 4.60
C GLU A 257 29.95 -2.15 3.49
N LYS A 258 28.62 -1.99 3.41
CA LYS A 258 27.77 -2.71 2.45
C LYS A 258 26.71 -1.78 1.87
N TYR A 259 26.21 -2.11 0.67
CA TYR A 259 25.65 -1.12 -0.25
C TYR A 259 24.28 -1.50 -0.77
N ASN A 260 23.45 -0.47 -0.98
CA ASN A 260 22.24 -0.54 -1.79
C ASN A 260 22.14 0.69 -2.68
N SER A 261 21.62 0.51 -3.90
CA SER A 261 21.45 1.63 -4.81
C SER A 261 20.22 1.40 -5.69
N TRP A 262 19.57 2.49 -6.09
CA TRP A 262 18.52 2.47 -7.11
C TRP A 262 18.70 3.61 -8.10
N HIS A 263 18.45 3.33 -9.38
CA HIS A 263 18.14 4.41 -10.32
C HIS A 263 16.68 4.79 -10.11
N HIS A 264 16.43 6.02 -9.65
CA HIS A 264 15.06 6.54 -9.57
C HIS A 264 14.79 7.39 -10.79
N GLY A 265 14.58 6.73 -11.93
CA GLY A 265 14.38 7.46 -13.16
C GLY A 265 15.62 8.24 -13.63
N ASP A 266 15.38 9.04 -14.66
CA ASP A 266 16.43 9.79 -15.35
C ASP A 266 17.28 10.65 -14.42
N PHE A 267 18.60 10.62 -14.64
CA PHE A 267 19.55 11.56 -13.98
C PHE A 267 19.38 11.59 -12.47
N ASN A 268 18.92 10.50 -11.88
CA ASN A 268 18.49 10.53 -10.49
C ASN A 268 18.85 9.17 -9.89
N TYR A 269 19.93 9.18 -9.12
CA TYR A 269 20.59 7.97 -8.63
C TYR A 269 20.72 8.13 -7.14
N GLU A 270 20.56 7.02 -6.42
CA GLU A 270 20.59 7.10 -4.98
C GLU A 270 21.34 5.89 -4.43
N ARG A 271 22.15 6.13 -3.42
CA ARG A 271 22.98 5.12 -2.81
C ARG A 271 22.80 5.17 -1.31
N GLN A 272 22.80 4.01 -0.68
CA GLN A 272 22.83 3.92 0.77
C GLN A 272 23.97 3.02 1.17
N ALA A 273 24.65 3.40 2.24
CA ALA A 273 25.80 2.66 2.73
C ALA A 273 25.59 2.43 4.21
N THR A 274 25.93 1.24 4.67
CA THR A 274 25.67 0.84 6.03
C THR A 274 26.93 0.28 6.67
N LEU A 275 27.16 0.69 7.90
CA LEU A 275 28.39 0.46 8.63
C LEU A 275 28.00 -0.10 9.98
N THR A 276 28.72 -1.10 10.48
CA THR A 276 28.37 -1.66 11.76
C THR A 276 29.59 -2.20 12.49
N ILE A 277 29.54 -2.10 13.81
CA ILE A 277 30.41 -2.83 14.73
C ILE A 277 29.51 -3.76 15.53
N SER A 278 29.87 -5.05 15.54
CA SER A 278 29.01 -6.07 16.14
C SER A 278 28.96 -5.94 17.66
N SER A 279 30.03 -5.43 18.28
CA SER A 279 30.12 -5.40 19.74
C SER A 279 31.18 -4.39 20.12
N ALA A 280 30.80 -3.37 20.91
CA ALA A 280 31.68 -2.24 21.21
C ALA A 280 32.56 -2.50 22.43
N ARG A 281 33.87 -2.49 22.24
CA ARG A 281 34.80 -2.18 23.31
C ARG A 281 34.86 -0.67 23.51
N VAL A 282 35.36 -0.23 24.66
CA VAL A 282 35.21 1.18 25.03
C VAL A 282 36.06 2.06 24.12
N ASN A 283 37.26 1.62 23.80
CA ASN A 283 38.14 2.34 22.88
C ASN A 283 37.50 2.63 21.53
N ASP A 284 36.44 1.91 21.16
CA ASP A 284 35.69 2.22 19.95
C ASP A 284 35.01 3.58 19.97
N SER A 285 34.94 4.25 21.12
CA SER A 285 34.34 5.58 21.19
C SER A 285 35.10 6.59 20.33
N GLY A 286 34.43 7.70 20.02
CA GLY A 286 34.99 8.76 19.19
C GLY A 286 34.07 9.26 18.09
N VAL A 287 34.61 9.50 16.90
CA VAL A 287 33.88 10.12 15.80
C VAL A 287 34.05 9.31 14.52
N PHE A 288 32.99 9.25 13.73
CA PHE A 288 32.96 8.59 12.43
C PHE A 288 32.41 9.54 11.38
N MET A 289 32.94 9.40 10.17
CA MET A 289 32.73 10.36 9.09
C MET A 289 32.34 9.64 7.82
N CYS A 290 31.46 10.28 7.04
CA CYS A 290 30.99 9.74 5.77
C CYS A 290 31.28 10.82 4.73
N TYR A 291 31.87 10.43 3.61
CA TYR A 291 32.60 11.38 2.78
C TYR A 291 32.44 11.02 1.32
N ALA A 292 32.13 12.03 0.50
CA ALA A 292 31.89 11.76 -0.92
C ALA A 292 32.53 12.85 -1.76
N ASN A 293 32.94 12.43 -2.95
CA ASN A 293 33.80 13.18 -3.84
C ASN A 293 33.26 13.04 -5.25
N ASN A 294 33.33 14.12 -6.01
CA ASN A 294 32.92 14.10 -7.41
C ASN A 294 33.65 15.23 -8.11
N THR A 295 33.77 15.13 -9.43
CA THR A 295 34.68 16.04 -10.11
C THR A 295 34.32 17.51 -9.88
N PHE A 296 33.09 17.83 -9.48
CA PHE A 296 32.80 19.21 -9.13
C PHE A 296 33.35 19.62 -7.75
N GLY A 297 33.49 18.67 -6.81
CA GLY A 297 33.85 19.02 -5.45
C GLY A 297 33.52 17.90 -4.45
N SER A 298 33.36 18.27 -3.18
CA SER A 298 33.29 17.28 -2.11
C SER A 298 32.44 17.72 -0.93
N ALA A 299 31.79 16.74 -0.27
CA ALA A 299 30.95 17.00 0.90
C ALA A 299 31.11 15.89 1.93
N ASN A 300 31.08 16.26 3.22
CA ASN A 300 31.32 15.34 4.33
C ASN A 300 30.35 15.60 5.50
N VAL A 301 29.96 14.52 6.18
CA VAL A 301 29.05 14.56 7.33
C VAL A 301 29.58 13.62 8.41
N THR A 302 29.41 13.99 9.69
CA THR A 302 30.12 13.38 10.80
C THR A 302 29.19 13.05 11.97
N THR A 303 29.54 12.00 12.72
CA THR A 303 28.72 11.50 13.82
C THR A 303 29.63 10.96 14.93
N THR A 304 29.18 11.10 16.18
CA THR A 304 30.00 10.83 17.36
C THR A 304 29.38 9.74 18.24
N LEU A 305 30.26 9.00 18.93
CA LEU A 305 29.88 7.79 19.67
C LEU A 305 30.65 7.71 20.99
N GLU A 306 29.93 7.49 22.09
CA GLU A 306 30.52 7.25 23.40
C GLU A 306 30.05 5.92 23.99
N VAL A 307 30.99 5.08 24.41
CA VAL A 307 30.71 3.76 24.97
C VAL A 307 31.03 3.80 26.46
N VAL A 308 30.15 3.23 27.28
CA VAL A 308 30.30 3.29 28.74
C VAL A 308 30.38 1.89 29.32
N ASP A 309 31.25 1.75 30.34
CA ASP A 309 31.41 0.51 31.08
C ASP A 309 30.21 0.16 31.94
N LYS A 310 29.37 1.13 32.29
CA LYS A 310 28.24 0.89 33.18
C LYS A 310 27.15 1.93 32.96
N GLY A 311 25.99 1.67 33.57
CA GLY A 311 24.96 2.68 33.74
C GLY A 311 25.31 3.70 34.82
N PHE A 312 24.44 4.69 34.98
CA PHE A 312 24.59 5.68 36.03
C PHE A 312 23.25 6.37 36.30
N ILE A 313 23.17 7.07 37.43
CA ILE A 313 22.09 8.01 37.73
C ILE A 313 22.65 9.19 38.51
N ASN A 314 22.16 10.40 38.20
CA ASN A 314 22.58 11.63 38.87
C ASN A 314 21.36 12.51 39.16
N ILE A 315 21.38 13.23 40.27
CA ILE A 315 20.18 13.87 40.81
C ILE A 315 20.48 15.31 41.24
N PHE A 316 19.55 16.21 40.94
CA PHE A 316 19.64 17.63 41.31
C PHE A 316 18.31 18.08 41.90
N PRO A 317 18.29 18.63 43.12
CA PRO A 317 17.04 19.18 43.65
C PRO A 317 16.70 20.53 43.02
N MET A 318 15.41 20.86 43.01
CA MET A 318 14.99 22.23 42.80
C MET A 318 15.38 23.13 43.97
N ILE A 319 15.03 22.71 45.18
CA ILE A 319 15.05 23.56 46.37
C ILE A 319 15.87 22.92 47.48
N ASN A 320 16.21 23.74 48.48
CA ASN A 320 16.95 23.27 49.65
C ASN A 320 16.29 22.02 50.22
N THR A 321 17.11 21.13 50.78
CA THR A 321 16.63 19.84 51.27
C THR A 321 15.58 19.96 52.37
N THR A 322 15.51 21.10 53.05
CA THR A 322 14.75 21.22 54.28
C THR A 322 14.00 22.53 54.27
N VAL A 323 12.70 22.49 54.51
CA VAL A 323 11.78 23.51 54.00
C VAL A 323 10.67 23.74 55.02
N PHE A 324 10.39 25.01 55.28
CA PHE A 324 9.41 25.46 56.27
C PHE A 324 8.17 25.99 55.58
N VAL A 325 7.00 25.61 56.09
CA VAL A 325 5.71 26.00 55.54
C VAL A 325 4.78 26.33 56.71
N ASN A 326 3.62 26.89 56.40
CA ASN A 326 2.61 27.17 57.42
C ASN A 326 1.29 26.46 57.10
N ASP A 327 0.51 26.23 58.15
CA ASP A 327 -0.67 25.37 58.08
C ASP A 327 -1.66 25.86 57.04
N GLY A 328 -2.02 24.99 56.10
CA GLY A 328 -2.91 25.33 55.02
C GLY A 328 -2.27 25.98 53.81
N GLU A 329 -0.98 26.28 53.87
CA GLU A 329 -0.23 26.68 52.69
C GLU A 329 0.01 25.47 51.77
N ASN A 330 0.73 25.73 50.68
CA ASN A 330 1.00 24.72 49.66
C ASN A 330 2.49 24.69 49.36
N VAL A 331 3.01 23.50 49.02
CA VAL A 331 4.41 23.32 48.70
C VAL A 331 4.57 22.19 47.69
N ASP A 332 5.58 22.32 46.83
CA ASP A 332 5.88 21.32 45.82
C ASP A 332 7.35 20.93 45.87
N LEU A 333 7.59 19.64 45.61
CA LEU A 333 8.91 19.02 45.77
C LEU A 333 9.33 18.51 44.41
N ILE A 334 10.50 18.95 43.95
CA ILE A 334 10.84 18.96 42.54
C ILE A 334 12.28 18.51 42.38
N VAL A 335 12.50 17.59 41.45
CA VAL A 335 13.82 17.02 41.20
C VAL A 335 14.06 17.00 39.69
N GLU A 336 15.26 17.41 39.30
CA GLU A 336 15.82 17.07 38.00
C GLU A 336 16.86 15.96 38.20
N TYR A 337 16.78 14.93 37.38
CA TYR A 337 17.74 13.83 37.47
C TYR A 337 18.00 13.27 36.09
N GLU A 338 19.24 12.84 35.85
CA GLU A 338 19.66 12.29 34.58
C GLU A 338 20.12 10.86 34.78
N ALA A 339 19.72 9.97 33.86
CA ALA A 339 19.84 8.55 34.11
C ALA A 339 20.06 7.79 32.81
N PHE A 340 20.85 6.73 32.90
CA PHE A 340 21.03 5.79 31.80
C PHE A 340 21.38 4.41 32.36
N PRO A 341 20.70 3.35 31.91
CA PRO A 341 19.49 3.32 31.07
C PRO A 341 18.26 3.97 31.72
N LYS A 342 17.17 3.98 30.98
CA LYS A 342 15.98 4.75 31.34
C LYS A 342 15.41 4.36 32.72
N PRO A 343 14.74 5.31 33.38
CA PRO A 343 14.17 5.05 34.72
C PRO A 343 13.14 3.94 34.71
N GLU A 344 13.28 3.01 35.66
CA GLU A 344 12.55 1.76 35.65
C GLU A 344 11.65 1.55 36.87
N HIS A 345 11.99 2.13 38.02
CA HIS A 345 11.02 2.29 39.10
C HIS A 345 11.16 3.67 39.72
N GLN A 346 10.01 4.32 39.95
CA GLN A 346 9.96 5.63 40.59
C GLN A 346 8.91 5.58 41.69
N GLN A 347 9.29 6.01 42.88
CA GLN A 347 8.44 5.81 44.05
C GLN A 347 8.62 6.94 45.05
N TRP A 348 7.54 7.25 45.76
CA TRP A 348 7.45 8.31 46.74
C TRP A 348 6.92 7.75 48.04
N ILE A 349 7.55 8.12 49.15
CA ILE A 349 7.11 7.65 50.46
C ILE A 349 7.37 8.74 51.49
N TYR A 350 6.46 8.82 52.46
CA TYR A 350 6.46 9.81 53.51
C TYR A 350 6.30 9.10 54.84
N MET A 351 7.19 9.40 55.78
CA MET A 351 7.26 8.68 57.05
C MET A 351 7.24 7.17 56.84
N ASN A 352 8.04 6.68 55.89
CA ASN A 352 8.16 5.27 55.58
C ASN A 352 6.87 4.66 55.02
N ARG A 353 5.81 5.45 54.81
CA ARG A 353 4.54 4.99 54.27
C ARG A 353 4.25 5.71 52.95
N THR A 354 3.43 5.07 52.11
CA THR A 354 3.15 5.55 50.75
C THR A 354 2.08 6.65 50.73
N PHE A 355 2.48 7.83 51.18
CA PHE A 355 1.85 9.06 50.69
C PHE A 355 2.14 9.20 49.19
N THR A 356 1.09 9.25 48.38
CA THR A 356 1.23 8.97 46.95
C THR A 356 0.09 9.61 46.17
N ASP A 357 0.26 9.63 44.84
CA ASP A 357 -0.76 10.07 43.89
C ASP A 357 -1.08 11.57 43.95
N LYS A 358 -0.12 12.42 44.33
CA LYS A 358 -0.20 13.85 44.04
C LYS A 358 1.02 14.33 43.25
N TRP A 359 1.55 13.48 42.37
CA TRP A 359 2.85 13.71 41.74
C TRP A 359 2.81 13.43 40.25
N GLU A 360 3.59 14.22 39.50
CA GLU A 360 3.79 14.06 38.07
C GLU A 360 5.27 13.84 37.76
N ASP A 361 5.54 13.09 36.68
CA ASP A 361 6.91 12.90 36.20
C ASP A 361 6.93 12.81 34.67
N TYR A 362 7.95 13.42 34.06
CA TYR A 362 8.07 13.46 32.61
C TYR A 362 9.52 13.71 32.20
N PRO A 363 9.94 13.21 31.03
CA PRO A 363 11.22 13.65 30.44
C PRO A 363 11.34 15.15 30.34
N LYS A 364 12.48 15.67 30.81
CA LYS A 364 12.73 17.11 30.84
C LYS A 364 12.82 17.74 29.45
N SER A 365 13.01 16.97 28.39
CA SER A 365 13.06 17.54 27.05
C SER A 365 12.58 16.50 26.03
N GLU A 366 12.09 17.01 24.89
CA GLU A 366 11.60 16.19 23.79
C GLU A 366 12.64 15.89 22.72
N ASN A 367 13.84 16.45 22.81
CA ASN A 367 14.90 16.14 21.86
C ASN A 367 15.20 14.64 21.85
N GLU A 368 15.66 14.16 20.69
CA GLU A 368 15.67 12.73 20.37
C GLU A 368 16.53 11.90 21.31
N SER A 369 17.41 12.51 22.10
CA SER A 369 18.32 11.79 22.98
C SER A 369 18.34 12.41 24.38
N ASN A 370 17.21 13.00 24.79
CA ASN A 370 17.11 13.55 26.13
C ASN A 370 17.17 12.45 27.18
N ILE A 371 17.95 12.68 28.22
CA ILE A 371 18.00 11.78 29.37
C ILE A 371 17.86 12.56 30.68
N ARG A 372 17.59 13.85 30.59
CA ARG A 372 17.15 14.61 31.75
C ARG A 372 15.69 14.28 32.04
N TYR A 373 15.38 14.10 33.33
CA TYR A 373 14.03 13.78 33.76
C TYR A 373 13.64 14.66 34.94
N VAL A 374 12.37 14.99 35.00
CA VAL A 374 11.83 15.85 36.04
C VAL A 374 10.61 15.17 36.64
N SER A 375 10.53 15.20 37.96
CA SER A 375 9.30 14.85 38.67
C SER A 375 9.01 15.89 39.73
N GLU A 376 7.74 16.18 39.91
CA GLU A 376 7.28 17.06 40.97
C GLU A 376 6.18 16.37 41.76
N LEU A 377 6.12 16.71 43.04
CA LEU A 377 5.13 16.20 43.98
C LEU A 377 4.52 17.42 44.64
N HIS A 378 3.21 17.42 44.78
CA HIS A 378 2.48 18.63 45.06
C HIS A 378 1.62 18.40 46.28
N LEU A 379 1.75 19.29 47.26
CA LEU A 379 1.07 19.15 48.53
C LEU A 379 0.32 20.45 48.78
N THR A 380 -0.97 20.33 49.06
CA THR A 380 -1.84 21.49 49.17
C THR A 380 -2.66 21.40 50.44
N ARG A 381 -2.84 22.56 51.08
CA ARG A 381 -3.49 22.69 52.38
C ARG A 381 -2.92 21.70 53.41
N LEU A 382 -1.59 21.73 53.53
CA LEU A 382 -0.88 20.90 54.49
C LEU A 382 -1.36 21.19 55.91
N LYS A 383 -1.52 20.15 56.72
CA LYS A 383 -1.99 20.28 58.09
C LYS A 383 -0.84 20.02 59.08
N GLY A 384 -1.00 20.61 60.27
CA GLY A 384 0.13 20.80 61.18
C GLY A 384 0.86 19.53 61.57
N THR A 385 0.13 18.52 62.07
CA THR A 385 0.81 17.30 62.55
C THR A 385 1.57 16.59 61.44
N GLU A 386 1.28 16.89 60.18
CA GLU A 386 1.83 16.14 59.06
C GLU A 386 3.31 16.46 58.79
N GLY A 387 3.89 17.43 59.48
CA GLY A 387 5.33 17.69 59.37
C GLY A 387 6.18 16.45 59.57
N GLY A 388 7.30 16.34 58.86
CA GLY A 388 8.12 15.15 58.94
C GLY A 388 9.13 14.90 57.83
N THR A 389 9.07 13.73 57.21
CA THR A 389 10.15 13.20 56.38
C THR A 389 9.60 12.67 55.06
N TYR A 390 10.27 13.01 53.97
CA TYR A 390 9.80 12.73 52.63
C TYR A 390 10.98 12.26 51.81
N THR A 391 10.75 11.23 50.97
CA THR A 391 11.82 10.63 50.21
C THR A 391 11.31 10.26 48.83
N PHE A 392 12.19 10.42 47.85
CA PHE A 392 11.92 10.05 46.47
C PHE A 392 13.05 9.19 45.97
N LEU A 393 12.71 8.19 45.16
CA LEU A 393 13.64 7.11 44.87
C LEU A 393 13.46 6.65 43.43
N VAL A 394 14.57 6.28 42.80
CA VAL A 394 14.58 5.79 41.43
C VAL A 394 15.43 4.54 41.36
N SER A 395 15.04 3.60 40.51
CA SER A 395 15.91 2.52 40.08
C SER A 395 15.87 2.41 38.56
N ASN A 396 17.01 2.08 37.98
CA ASN A 396 17.08 1.37 36.70
C ASN A 396 17.76 0.03 36.94
N SER A 397 17.93 -0.75 35.86
CA SER A 397 18.56 -2.05 35.98
C SER A 397 19.92 -1.97 36.66
N ASP A 398 20.75 -0.99 36.28
CA ASP A 398 22.11 -0.92 36.81
C ASP A 398 22.17 -0.40 38.24
N VAL A 399 21.32 0.58 38.59
CA VAL A 399 21.54 1.39 39.79
C VAL A 399 20.19 1.81 40.35
N ASN A 400 20.16 2.05 41.67
CA ASN A 400 19.05 2.74 42.32
C ASN A 400 19.57 3.76 43.32
N ALA A 401 18.84 4.87 43.44
CA ALA A 401 19.31 6.06 44.15
C ALA A 401 18.11 6.76 44.78
N ALA A 402 18.34 7.41 45.94
CA ALA A 402 17.26 7.99 46.72
C ALA A 402 17.70 9.31 47.36
N ILE A 403 16.75 10.24 47.46
CA ILE A 403 16.97 11.56 48.05
C ILE A 403 15.84 11.86 49.04
N ALA A 404 16.17 12.58 50.12
CA ALA A 404 15.26 12.80 51.23
C ALA A 404 15.14 14.27 51.61
N PHE A 405 13.93 14.66 52.00
CA PHE A 405 13.57 16.03 52.38
C PHE A 405 12.86 15.99 53.73
N ASN A 406 13.06 17.03 54.54
CA ASN A 406 12.34 17.14 55.79
C ASN A 406 11.71 18.53 55.91
N VAL A 407 10.51 18.57 56.48
CA VAL A 407 9.64 19.74 56.40
C VAL A 407 9.02 20.01 57.76
N TYR A 408 8.98 21.28 58.13
CA TYR A 408 8.37 21.74 59.38
C TYR A 408 7.29 22.75 59.02
N VAL A 409 6.04 22.43 59.36
CA VAL A 409 4.95 23.39 59.23
C VAL A 409 4.82 24.13 60.55
N ASN A 410 5.01 25.45 60.50
CA ASN A 410 4.84 26.31 61.66
C ASN A 410 3.38 26.69 61.87
N THR A 411 3.07 27.08 63.11
CA THR A 411 1.70 27.46 63.49
C THR A 411 1.75 28.58 64.51
N LYS A 412 0.67 29.37 64.56
CA LYS A 412 0.43 30.23 65.70
C LYS A 412 0.26 29.41 66.98
N PRO A 413 0.54 29.99 68.14
CA PRO A 413 0.51 29.22 69.38
C PRO A 413 -0.89 28.89 69.85
N GLU A 414 -1.03 27.72 70.47
CA GLU A 414 -2.10 27.43 71.41
C GLU A 414 -1.64 27.79 72.83
N ILE A 415 -2.60 27.89 73.75
CA ILE A 415 -2.34 28.40 75.10
C ILE A 415 -3.19 27.64 76.12
N LEU A 416 -2.76 27.70 77.38
CA LEU A 416 -3.39 26.92 78.46
C LEU A 416 -3.23 27.66 79.78
N ILE A 417 -4.11 27.32 80.74
CA ILE A 417 -4.12 27.92 82.07
C ILE A 417 -4.19 26.83 83.15
N ARG A 418 -3.38 27.01 84.18
CA ARG A 418 -3.30 26.13 85.35
C ARG A 418 -3.06 27.00 86.58
N LEU A 419 -3.30 26.44 87.77
CA LEU A 419 -2.82 27.11 88.96
C LEU A 419 -2.76 26.16 90.15
N VAL A 420 -1.84 26.49 91.07
CA VAL A 420 -1.74 25.82 92.37
C VAL A 420 -0.84 26.66 93.24
N ASN A 421 -0.98 26.52 94.56
CA ASN A 421 -0.23 27.33 95.52
C ASN A 421 -0.28 28.81 95.14
N GLY A 422 -1.50 29.27 94.83
CA GLY A 422 -1.77 30.66 94.49
C GLY A 422 -1.01 31.21 93.30
N MET A 423 -0.28 30.35 92.60
CA MET A 423 0.32 30.69 91.32
C MET A 423 -0.75 30.69 90.23
N LEU A 424 -0.77 31.75 89.41
CA LEU A 424 -1.39 31.67 88.09
C LEU A 424 -0.39 31.10 87.08
N GLN A 425 -0.76 30.02 86.39
CA GLN A 425 0.11 29.33 85.46
C GLN A 425 -0.40 29.44 84.02
N CYS A 426 0.44 29.94 83.11
CA CYS A 426 0.08 30.19 81.71
C CYS A 426 1.08 29.44 80.84
N VAL A 427 0.57 28.59 79.93
CA VAL A 427 1.39 27.59 79.25
C VAL A 427 1.02 27.55 77.77
N ALA A 428 2.02 27.73 76.90
CA ALA A 428 1.80 27.90 75.47
C ALA A 428 2.76 27.02 74.68
N ALA A 429 2.27 26.49 73.55
CA ALA A 429 3.07 25.66 72.65
C ALA A 429 2.88 26.11 71.21
N GLY A 430 3.95 26.04 70.41
CA GLY A 430 3.86 26.36 68.99
C GLY A 430 5.15 26.29 68.19
N PHE A 431 5.31 27.18 67.18
CA PHE A 431 6.54 27.32 66.41
C PHE A 431 6.70 28.69 65.74
N PRO A 432 7.72 29.48 66.09
CA PRO A 432 8.82 29.20 67.04
C PRO A 432 8.33 29.17 68.47
N GLU A 433 9.25 29.02 69.41
CA GLU A 433 8.92 29.19 70.82
C GLU A 433 8.12 30.49 71.01
N PRO A 434 6.88 30.41 71.46
CA PRO A 434 6.07 31.62 71.60
C PRO A 434 6.50 32.46 72.80
N THR A 435 5.96 33.67 72.84
CA THR A 435 6.36 34.69 73.79
C THR A 435 5.11 35.16 74.51
N ILE A 436 5.21 35.24 75.84
CA ILE A 436 4.07 35.40 76.73
C ILE A 436 4.28 36.70 77.49
N ASP A 437 3.32 37.62 77.36
CA ASP A 437 3.36 38.87 78.10
C ASP A 437 2.02 39.07 78.80
N TRP A 438 2.07 39.62 80.01
CA TRP A 438 0.92 39.63 80.91
C TRP A 438 0.54 41.08 81.13
N TYR A 439 -0.77 41.35 81.13
CA TYR A 439 -1.30 42.69 80.94
C TYR A 439 -2.76 42.67 81.36
N PHE A 440 -3.33 43.85 81.59
CA PHE A 440 -4.51 43.95 82.45
C PHE A 440 -5.07 45.36 82.54
N LYS A 469 7.41 20.83 68.09
CA LYS A 469 6.49 21.53 68.98
C LYS A 469 7.25 22.24 70.08
N LEU A 470 7.37 23.56 69.96
CA LEU A 470 8.10 24.37 70.92
C LEU A 470 7.19 24.79 72.07
N VAL A 471 7.70 24.66 73.29
CA VAL A 471 6.90 24.61 74.50
C VAL A 471 7.48 25.56 75.53
N VAL A 472 6.60 26.31 76.21
CA VAL A 472 7.02 27.27 77.23
C VAL A 472 6.00 27.30 78.36
N GLN A 473 6.45 27.74 79.53
CA GLN A 473 5.57 27.93 80.68
C GLN A 473 6.06 29.11 81.52
N SER A 474 5.14 29.65 82.32
CA SER A 474 5.50 30.65 83.32
C SER A 474 4.41 30.67 84.39
N SER A 475 4.64 31.45 85.44
CA SER A 475 3.60 31.63 86.46
C SER A 475 3.75 32.99 87.13
N ILE A 476 2.62 33.48 87.66
CA ILE A 476 2.58 34.71 88.46
C ILE A 476 1.85 34.39 89.76
N ASP A 477 2.40 34.84 90.88
CA ASP A 477 1.78 34.57 92.17
C ASP A 477 0.63 35.53 92.45
N HIS A 483 -10.07 42.31 95.19
CA HIS A 483 -11.23 41.55 95.65
C HIS A 483 -11.91 40.83 94.51
N ASN A 484 -12.09 41.55 93.40
CA ASN A 484 -12.53 40.97 92.13
C ASN A 484 -11.48 41.29 91.07
N GLY A 485 -11.00 40.28 90.38
CA GLY A 485 -9.78 40.40 89.58
C GLY A 485 -9.96 39.89 88.18
N THR A 486 -9.35 40.61 87.23
CA THR A 486 -9.23 40.13 85.85
C THR A 486 -7.86 40.50 85.28
N VAL A 487 -7.07 39.46 85.04
CA VAL A 487 -5.67 39.52 84.64
C VAL A 487 -5.53 38.54 83.48
N GLU A 488 -4.50 38.71 82.66
CA GLU A 488 -4.47 37.90 81.45
C GLU A 488 -3.07 37.78 80.88
N CYS A 489 -2.96 36.84 79.94
CA CYS A 489 -1.72 36.43 79.32
C CYS A 489 -1.93 36.52 77.81
N LYS A 490 -1.06 37.28 77.13
CA LYS A 490 -1.28 37.67 75.74
C LYS A 490 0.01 37.46 74.96
N ALA A 491 -0.08 36.77 73.83
CA ALA A 491 1.06 36.00 73.33
C ALA A 491 1.07 36.00 71.81
N TYR A 492 2.29 35.97 71.25
CA TYR A 492 2.47 35.60 69.86
C TYR A 492 3.78 34.84 69.72
N ASN A 493 3.83 33.99 68.72
CA ASN A 493 5.06 33.60 68.04
C ASN A 493 5.06 34.20 66.64
N ASP A 494 6.15 33.96 65.91
CA ASP A 494 6.26 34.56 64.59
C ASP A 494 5.04 34.30 63.73
N VAL A 495 4.47 33.09 63.82
CA VAL A 495 3.33 32.74 62.98
C VAL A 495 2.02 33.43 63.38
N GLY A 496 1.86 33.89 64.62
CA GLY A 496 0.58 34.47 65.00
C GLY A 496 0.41 34.66 66.50
N LYS A 497 -0.80 35.17 66.83
CA LYS A 497 -1.15 35.79 68.11
C LYS A 497 -2.35 35.12 68.78
N THR A 498 -2.32 34.98 70.11
CA THR A 498 -3.47 34.51 70.87
C THR A 498 -3.47 35.07 72.30
N SER A 499 -4.67 35.19 72.88
CA SER A 499 -4.89 35.88 74.16
C SER A 499 -5.72 35.06 75.15
N ALA A 500 -5.26 34.98 76.41
CA ALA A 500 -5.79 34.09 77.44
C ALA A 500 -6.13 34.90 78.69
N TYR A 501 -7.43 35.06 78.97
CA TYR A 501 -7.93 36.01 79.96
C TYR A 501 -8.54 35.30 81.17
N PHE A 502 -8.04 35.62 82.36
CA PHE A 502 -8.37 34.97 83.62
C PHE A 502 -9.29 35.84 84.47
N ASN A 503 -10.09 35.19 85.33
CA ASN A 503 -10.91 35.94 86.28
C ASN A 503 -11.18 35.14 87.55
N PHE A 504 -10.87 35.77 88.69
CA PHE A 504 -10.73 35.12 90.00
C PHE A 504 -11.27 36.08 91.05
N ALA A 505 -12.37 35.72 91.71
CA ALA A 505 -13.18 36.68 92.46
C ALA A 505 -13.43 36.21 93.89
N PHE A 506 -13.18 37.10 94.86
CA PHE A 506 -13.74 36.95 96.20
C PHE A 506 -15.07 37.69 96.33
N SER B 35 -46.70 -50.21 -40.92
CA SER B 35 -45.26 -50.55 -40.74
C SER B 35 -44.37 -49.31 -40.80
N PRO B 36 -43.28 -49.31 -40.03
CA PRO B 36 -42.18 -48.39 -40.34
C PRO B 36 -41.61 -48.63 -41.72
N PRO B 37 -40.85 -47.67 -42.25
CA PRO B 37 -40.27 -47.81 -43.59
C PRO B 37 -39.02 -48.68 -43.59
N SER B 38 -38.77 -49.30 -44.74
CA SER B 38 -37.59 -50.16 -44.91
C SER B 38 -36.48 -49.37 -45.60
N ILE B 39 -35.28 -49.41 -45.03
CA ILE B 39 -34.09 -48.80 -45.61
C ILE B 39 -33.21 -49.86 -46.25
N HIS B 40 -32.73 -49.58 -47.48
CA HIS B 40 -31.81 -50.48 -48.18
C HIS B 40 -30.39 -49.96 -48.04
N PRO B 41 -29.39 -50.79 -47.70
CA PRO B 41 -29.47 -52.10 -47.03
C PRO B 41 -29.90 -51.96 -45.58
N GLY B 42 -30.62 -52.95 -45.06
CA GLY B 42 -31.26 -52.90 -43.76
C GLY B 42 -30.40 -53.08 -42.52
N LYS B 43 -29.08 -53.25 -42.64
CA LYS B 43 -28.26 -53.45 -41.46
C LYS B 43 -28.27 -52.22 -40.54
N SER B 44 -27.86 -52.45 -39.29
CA SER B 44 -27.88 -51.39 -38.28
C SER B 44 -26.88 -50.29 -38.63
N ASP B 45 -25.70 -50.69 -39.12
CA ASP B 45 -24.50 -49.87 -39.07
C ASP B 45 -23.73 -50.12 -40.36
N LEU B 46 -22.98 -49.11 -40.82
CA LEU B 46 -22.17 -49.30 -42.01
C LEU B 46 -20.87 -48.51 -41.91
N ILE B 47 -19.77 -49.16 -42.33
CA ILE B 47 -18.50 -48.50 -42.57
C ILE B 47 -18.39 -48.14 -44.04
N VAL B 48 -17.76 -46.99 -44.33
CA VAL B 48 -17.51 -46.56 -45.70
C VAL B 48 -16.16 -45.84 -45.73
N ARG B 49 -15.44 -46.01 -46.84
CA ARG B 49 -14.19 -45.27 -47.02
C ARG B 49 -14.46 -43.78 -47.17
N VAL B 50 -13.61 -42.95 -46.56
CA VAL B 50 -13.49 -41.57 -46.97
C VAL B 50 -13.29 -41.50 -48.48
N GLY B 51 -14.09 -40.68 -49.15
CA GLY B 51 -14.08 -40.61 -50.60
C GLY B 51 -15.12 -41.47 -51.29
N ASP B 52 -15.55 -42.55 -50.65
CA ASP B 52 -16.50 -43.46 -51.27
C ASP B 52 -17.89 -42.82 -51.36
N GLU B 53 -18.67 -43.33 -52.32
CA GLU B 53 -20.05 -42.89 -52.47
C GLU B 53 -20.93 -43.45 -51.37
N ILE B 54 -21.96 -42.69 -51.04
CA ILE B 54 -22.89 -43.05 -49.96
C ILE B 54 -24.28 -43.00 -50.56
N ARG B 55 -24.99 -44.11 -50.50
CA ARG B 55 -26.21 -44.25 -51.28
C ARG B 55 -27.19 -45.08 -50.49
N LEU B 56 -28.32 -44.47 -50.14
CA LEU B 56 -29.28 -45.02 -49.22
C LEU B 56 -30.65 -44.78 -49.82
N LEU B 57 -31.49 -45.79 -49.76
CA LEU B 57 -32.84 -45.70 -50.31
C LEU B 57 -33.82 -46.14 -49.25
N CYS B 58 -34.97 -45.47 -49.23
CA CYS B 58 -36.01 -45.77 -48.26
C CYS B 58 -37.25 -46.15 -49.04
N THR B 59 -37.78 -47.31 -48.73
CA THR B 59 -38.84 -47.97 -49.50
C THR B 59 -40.05 -47.98 -48.58
N ASP B 60 -40.93 -47.01 -48.79
CA ASP B 60 -42.22 -47.02 -48.16
C ASP B 60 -43.20 -46.31 -49.08
N PRO B 61 -44.42 -46.83 -49.19
CA PRO B 61 -45.48 -46.06 -49.87
C PRO B 61 -45.68 -44.69 -49.25
N GLY B 62 -45.58 -44.61 -47.92
CA GLY B 62 -45.75 -43.41 -47.15
C GLY B 62 -44.56 -42.49 -47.06
N PHE B 63 -43.51 -42.65 -47.86
CA PHE B 63 -42.34 -41.78 -47.76
C PHE B 63 -42.69 -40.32 -47.60
N VAL B 64 -42.00 -39.66 -46.65
CA VAL B 64 -42.16 -38.25 -46.37
C VAL B 64 -40.79 -37.60 -46.45
N LYS B 65 -39.83 -38.12 -45.68
CA LYS B 65 -38.70 -37.34 -45.21
C LYS B 65 -37.45 -38.19 -45.06
N TRP B 66 -36.31 -37.53 -45.18
CA TRP B 66 -35.02 -37.98 -44.70
C TRP B 66 -34.54 -36.98 -43.68
N THR B 67 -33.92 -37.46 -42.61
CA THR B 67 -33.28 -36.58 -41.64
C THR B 67 -31.86 -37.07 -41.35
N PHE B 68 -30.96 -36.11 -41.20
CA PHE B 68 -29.54 -36.34 -40.96
C PHE B 68 -29.15 -35.58 -39.71
N GLU B 69 -28.52 -36.26 -38.76
CA GLU B 69 -28.07 -35.61 -37.52
C GLU B 69 -26.65 -36.05 -37.17
N ILE B 70 -25.77 -35.08 -36.92
CA ILE B 70 -24.59 -35.28 -36.09
C ILE B 70 -24.35 -34.05 -35.23
N LEU B 71 -24.04 -34.28 -33.95
CA LEU B 71 -23.85 -33.18 -33.00
C LEU B 71 -25.04 -32.23 -33.06
N ASP B 72 -24.80 -30.96 -33.41
CA ASP B 72 -25.89 -30.01 -33.62
C ASP B 72 -26.18 -29.71 -35.09
N GLU B 73 -25.41 -30.26 -36.02
CA GLU B 73 -25.70 -30.11 -37.44
C GLU B 73 -26.86 -31.01 -37.84
N THR B 74 -27.75 -30.49 -38.67
CA THR B 74 -28.95 -31.23 -39.05
C THR B 74 -29.38 -30.85 -40.47
N ASN B 75 -29.86 -31.85 -41.23
CA ASN B 75 -30.28 -31.64 -42.61
C ASN B 75 -31.43 -32.57 -42.96
N GLU B 76 -32.25 -32.12 -43.91
CA GLU B 76 -33.45 -32.81 -44.35
C GLU B 76 -33.41 -32.97 -45.86
N ASN B 77 -34.05 -34.03 -46.36
CA ASN B 77 -34.24 -34.19 -47.80
C ASN B 77 -35.63 -34.73 -48.09
N LYS B 78 -36.20 -34.28 -49.21
CA LYS B 78 -37.54 -34.68 -49.64
C LYS B 78 -37.56 -35.58 -50.87
N GLN B 79 -36.41 -35.85 -51.49
CA GLN B 79 -36.32 -37.01 -52.37
C GLN B 79 -36.42 -38.29 -51.54
N ASN B 80 -36.96 -39.34 -52.15
CA ASN B 80 -37.07 -40.60 -51.44
C ASN B 80 -35.79 -41.42 -51.43
N GLU B 81 -34.71 -40.90 -52.02
CA GLU B 81 -33.43 -41.59 -52.07
C GLU B 81 -32.30 -40.60 -51.79
N TRP B 82 -31.27 -41.05 -51.08
CA TRP B 82 -30.19 -40.16 -50.67
C TRP B 82 -28.88 -40.67 -51.25
N ILE B 83 -28.19 -39.78 -51.96
CA ILE B 83 -26.94 -40.08 -52.62
C ILE B 83 -25.94 -39.00 -52.24
N THR B 84 -24.68 -39.39 -52.09
CA THR B 84 -23.60 -38.42 -51.97
C THR B 84 -22.31 -39.10 -52.41
N GLU B 85 -21.84 -38.77 -53.61
CA GLU B 85 -20.72 -39.48 -54.19
C GLU B 85 -19.39 -39.07 -53.56
N LYS B 86 -19.30 -37.83 -53.08
CA LYS B 86 -18.07 -37.28 -52.52
C LYS B 86 -17.74 -37.84 -51.13
N ALA B 87 -16.69 -37.27 -50.54
CA ALA B 87 -15.82 -37.92 -49.55
C ALA B 87 -16.19 -37.70 -48.08
N GLU B 88 -16.86 -36.60 -47.76
CA GLU B 88 -16.74 -35.97 -46.43
C GLU B 88 -16.83 -36.94 -45.25
N ALA B 89 -15.82 -36.86 -44.38
CA ALA B 89 -15.89 -37.48 -43.06
C ALA B 89 -17.11 -36.98 -42.28
N THR B 90 -17.37 -35.68 -42.35
CA THR B 90 -18.49 -35.06 -41.63
C THR B 90 -19.83 -35.73 -41.91
N ASN B 91 -19.96 -36.46 -43.02
CA ASN B 91 -21.19 -37.21 -43.27
C ASN B 91 -21.49 -38.19 -42.14
N THR B 92 -20.46 -38.66 -41.43
CA THR B 92 -20.62 -39.63 -40.35
C THR B 92 -21.70 -39.22 -39.35
N GLY B 93 -22.47 -40.22 -38.91
CA GLY B 93 -23.55 -40.02 -37.96
C GLY B 93 -24.83 -40.72 -38.37
N LYS B 94 -25.99 -40.09 -38.20
CA LYS B 94 -27.24 -40.82 -38.15
C LYS B 94 -28.14 -40.38 -39.29
N TYR B 95 -28.82 -41.35 -39.88
CA TYR B 95 -29.69 -41.14 -41.03
C TYR B 95 -31.04 -41.79 -40.73
N THR B 96 -32.10 -41.01 -40.90
CA THR B 96 -33.45 -41.37 -40.46
C THR B 96 -34.42 -41.16 -41.61
N CYS B 97 -35.41 -42.04 -41.70
CA CYS B 97 -36.43 -41.99 -42.75
C CYS B 97 -37.79 -42.07 -42.07
N THR B 98 -38.77 -41.32 -42.59
CA THR B 98 -40.08 -41.22 -41.96
C THR B 98 -41.17 -41.28 -43.02
N ASN B 99 -42.38 -41.66 -42.61
CA ASN B 99 -43.40 -41.95 -43.61
C ASN B 99 -44.82 -41.80 -43.07
N LYS B 100 -45.76 -41.74 -44.03
CA LYS B 100 -47.08 -41.15 -43.93
C LYS B 100 -47.85 -41.46 -42.64
N HIS B 101 -48.09 -42.75 -42.36
CA HIS B 101 -48.89 -43.13 -41.20
C HIS B 101 -48.21 -42.84 -39.88
N GLY B 102 -46.97 -42.36 -39.90
CA GLY B 102 -46.20 -42.04 -38.71
C GLY B 102 -44.93 -42.84 -38.58
N LEU B 103 -44.58 -43.54 -39.67
CA LEU B 103 -43.63 -44.65 -39.63
C LEU B 103 -42.18 -44.17 -39.72
N SER B 104 -41.27 -44.79 -38.96
CA SER B 104 -39.90 -44.27 -38.89
C SER B 104 -38.87 -45.38 -38.69
N ASN B 105 -37.71 -45.19 -39.32
CA ASN B 105 -36.60 -46.15 -39.30
C ASN B 105 -35.30 -45.37 -39.43
N SER B 106 -34.21 -45.91 -38.89
CA SER B 106 -32.94 -45.20 -38.92
C SER B 106 -31.75 -46.15 -39.06
N ILE B 107 -30.69 -45.61 -39.66
CA ILE B 107 -29.44 -46.31 -39.96
C ILE B 107 -28.30 -45.40 -39.55
N TYR B 108 -27.20 -45.99 -39.10
CA TYR B 108 -26.07 -45.23 -38.57
C TYR B 108 -24.78 -45.63 -39.27
N VAL B 109 -23.89 -44.66 -39.44
CA VAL B 109 -22.93 -44.66 -40.54
C VAL B 109 -21.59 -44.11 -40.06
N PHE B 110 -20.52 -44.72 -40.57
CA PHE B 110 -19.15 -44.30 -40.33
C PHE B 110 -18.49 -44.06 -41.66
N VAL B 111 -17.65 -43.03 -41.73
CA VAL B 111 -16.78 -42.84 -42.86
C VAL B 111 -15.40 -42.84 -42.25
N ARG B 112 -14.66 -43.92 -42.47
CA ARG B 112 -13.39 -44.05 -41.76
C ARG B 112 -12.39 -43.11 -42.40
N ASP B 113 -11.80 -42.24 -41.58
CA ASP B 113 -10.81 -41.27 -42.04
C ASP B 113 -9.56 -41.35 -41.17
N PRO B 114 -8.41 -41.71 -41.73
CA PRO B 114 -7.19 -41.72 -40.90
C PRO B 114 -6.83 -40.34 -40.39
N ALA B 115 -7.22 -39.31 -41.13
CA ALA B 115 -7.07 -37.91 -40.73
C ALA B 115 -7.93 -37.54 -39.53
N LYS B 116 -9.22 -37.85 -39.56
CA LYS B 116 -10.20 -37.30 -38.62
C LYS B 116 -10.85 -38.43 -37.79
N LEU B 117 -10.22 -38.75 -36.66
CA LEU B 117 -10.69 -39.83 -35.80
C LEU B 117 -11.78 -39.37 -34.85
N PHE B 118 -11.76 -38.10 -34.46
CA PHE B 118 -12.77 -37.51 -33.59
C PHE B 118 -13.55 -36.48 -34.37
N LEU B 119 -14.81 -36.31 -33.99
CA LEU B 119 -15.50 -35.05 -34.21
C LEU B 119 -15.80 -34.44 -32.85
N VAL B 120 -15.72 -33.12 -32.77
CA VAL B 120 -15.41 -32.45 -31.51
C VAL B 120 -16.14 -31.13 -31.41
N ASP B 121 -16.33 -30.69 -30.17
CA ASP B 121 -17.04 -29.46 -29.84
C ASP B 121 -16.45 -28.98 -28.53
N ARG B 122 -15.82 -27.81 -28.57
CA ARG B 122 -14.96 -27.40 -27.48
C ARG B 122 -15.72 -26.73 -26.34
N SER B 123 -17.06 -26.72 -26.42
CA SER B 123 -17.90 -26.28 -25.32
C SER B 123 -17.91 -27.35 -24.24
N LEU B 124 -17.85 -26.95 -22.96
CA LEU B 124 -18.02 -27.93 -21.90
C LEU B 124 -18.45 -27.28 -20.60
N TYR B 125 -19.63 -27.66 -20.10
CA TYR B 125 -20.21 -27.08 -18.89
C TYR B 125 -20.92 -28.16 -18.08
N GLY B 126 -20.86 -28.05 -16.76
CA GLY B 126 -21.57 -28.97 -15.90
C GLY B 126 -22.22 -28.29 -14.71
N LYS B 127 -23.45 -28.67 -14.39
CA LYS B 127 -24.03 -28.31 -13.10
C LYS B 127 -23.46 -29.21 -12.02
N GLU B 128 -23.02 -28.60 -10.92
CA GLU B 128 -22.55 -29.36 -9.77
C GLU B 128 -23.51 -30.52 -9.46
N ASP B 129 -22.94 -31.67 -9.08
CA ASP B 129 -23.72 -32.83 -8.66
C ASP B 129 -24.62 -33.42 -9.76
N ASN B 130 -24.31 -33.24 -11.05
CA ASN B 130 -24.97 -34.01 -12.10
C ASN B 130 -23.93 -34.59 -13.06
N ASP B 131 -24.36 -35.59 -13.82
CA ASP B 131 -23.52 -36.14 -14.88
C ASP B 131 -23.42 -35.20 -16.07
N THR B 132 -22.32 -35.32 -16.80
CA THR B 132 -21.87 -34.31 -17.75
C THR B 132 -21.18 -35.03 -18.89
N LEU B 133 -21.28 -34.46 -20.10
CA LEU B 133 -20.94 -35.18 -21.31
C LEU B 133 -19.89 -34.41 -22.10
N VAL B 134 -18.91 -35.13 -22.64
CA VAL B 134 -17.80 -34.53 -23.37
C VAL B 134 -17.94 -34.98 -24.81
N ARG B 135 -18.15 -34.01 -25.69
CA ARG B 135 -18.51 -34.27 -27.09
C ARG B 135 -17.24 -34.55 -27.90
N CYS B 136 -16.79 -35.81 -27.84
CA CYS B 136 -15.71 -36.28 -28.72
C CYS B 136 -16.07 -37.63 -29.36
N PRO B 137 -17.27 -37.75 -29.93
CA PRO B 137 -17.65 -39.02 -30.58
C PRO B 137 -16.71 -39.42 -31.70
N LEU B 138 -16.66 -40.73 -31.95
CA LEU B 138 -15.60 -41.37 -32.72
C LEU B 138 -16.10 -41.67 -34.13
N THR B 139 -15.24 -41.41 -35.12
CA THR B 139 -15.62 -41.56 -36.52
C THR B 139 -15.40 -42.97 -37.05
N ASP B 140 -14.79 -43.86 -36.27
CA ASP B 140 -14.54 -45.23 -36.69
C ASP B 140 -14.52 -46.18 -35.49
N PRO B 141 -15.49 -47.07 -35.36
CA PRO B 141 -15.76 -47.70 -34.05
C PRO B 141 -14.80 -48.82 -33.71
N GLU B 142 -13.93 -49.20 -34.65
CA GLU B 142 -13.07 -50.37 -34.53
C GLU B 142 -11.81 -50.10 -33.72
N VAL B 143 -11.94 -49.51 -32.54
CA VAL B 143 -10.81 -49.16 -31.69
C VAL B 143 -11.13 -49.58 -30.26
N THR B 144 -10.10 -49.60 -29.41
CA THR B 144 -10.27 -50.04 -28.03
C THR B 144 -9.42 -49.20 -27.09
N ASN B 145 -9.60 -49.46 -25.80
CA ASN B 145 -9.03 -48.62 -24.73
C ASN B 145 -9.51 -47.18 -24.87
N TYR B 146 -10.79 -47.02 -25.21
CA TYR B 146 -11.38 -45.70 -25.34
C TYR B 146 -11.43 -45.05 -23.97
N SER B 147 -10.82 -43.87 -23.84
CA SER B 147 -10.27 -43.45 -22.56
C SER B 147 -10.31 -41.93 -22.44
N LEU B 148 -10.13 -41.46 -21.22
CA LEU B 148 -10.03 -40.04 -20.90
C LEU B 148 -8.72 -39.81 -20.18
N LYS B 149 -8.05 -38.68 -20.49
CA LYS B 149 -6.69 -38.45 -20.03
C LYS B 149 -6.45 -36.97 -19.75
N GLY B 150 -5.54 -36.72 -18.81
CA GLY B 150 -5.25 -35.37 -18.37
C GLY B 150 -4.18 -34.68 -19.20
N CYS B 151 -4.24 -33.35 -19.22
CA CYS B 151 -3.30 -32.56 -20.01
C CYS B 151 -1.85 -32.77 -19.56
N GLN B 152 -0.94 -32.55 -20.51
CA GLN B 152 0.47 -32.27 -20.20
C GLN B 152 1.09 -33.30 -19.27
N GLY B 153 0.64 -34.56 -19.36
CA GLY B 153 1.12 -35.58 -18.45
C GLY B 153 0.45 -35.68 -17.09
N LYS B 154 -0.04 -34.57 -16.54
CA LYS B 154 -0.62 -34.60 -15.20
C LYS B 154 -1.79 -35.58 -15.12
N PRO B 155 -1.83 -36.45 -14.12
CA PRO B 155 -2.92 -37.43 -14.01
C PRO B 155 -4.21 -36.89 -13.41
N LEU B 156 -5.31 -37.54 -13.78
CA LEU B 156 -6.65 -37.16 -13.36
C LEU B 156 -6.88 -37.46 -11.87
N PRO B 157 -7.65 -36.62 -11.17
CA PRO B 157 -8.05 -36.98 -9.80
C PRO B 157 -8.67 -38.37 -9.75
N LYS B 158 -8.37 -39.10 -8.67
CA LYS B 158 -8.72 -40.51 -8.61
C LYS B 158 -10.23 -40.75 -8.60
N ASP B 159 -11.01 -39.81 -8.07
CA ASP B 159 -12.42 -40.05 -7.80
C ASP B 159 -13.29 -40.13 -9.05
N LEU B 160 -12.84 -39.61 -10.19
CA LEU B 160 -13.68 -39.62 -11.39
C LEU B 160 -14.02 -41.03 -11.82
N ARG B 161 -15.30 -41.26 -12.12
CA ARG B 161 -15.74 -42.43 -12.87
C ARG B 161 -16.70 -42.00 -13.96
N PHE B 162 -16.53 -42.62 -15.13
CA PHE B 162 -16.99 -42.11 -16.40
C PHE B 162 -17.32 -43.32 -17.29
N ILE B 163 -18.25 -43.13 -18.22
CA ILE B 163 -18.60 -44.23 -19.11
C ILE B 163 -18.49 -43.72 -20.55
N PRO B 164 -17.86 -44.48 -21.45
CA PRO B 164 -17.73 -44.06 -22.84
C PRO B 164 -18.93 -44.47 -23.69
N ASP B 165 -19.13 -43.73 -24.78
CA ASP B 165 -19.78 -44.35 -25.91
C ASP B 165 -19.41 -43.72 -27.25
N PRO B 166 -19.08 -44.54 -28.25
CA PRO B 166 -18.60 -44.00 -29.55
C PRO B 166 -19.57 -43.08 -30.25
N LYS B 167 -20.87 -43.24 -30.01
CA LYS B 167 -21.87 -42.42 -30.69
C LYS B 167 -22.10 -41.08 -30.04
N ALA B 168 -21.82 -40.96 -28.74
CA ALA B 168 -22.00 -39.71 -28.02
C ALA B 168 -20.68 -39.00 -27.77
N GLY B 169 -19.62 -39.76 -27.51
CA GLY B 169 -18.51 -39.27 -26.74
C GLY B 169 -18.60 -39.88 -25.36
N ILE B 170 -18.06 -39.19 -24.38
CA ILE B 170 -17.65 -39.79 -23.12
C ILE B 170 -18.30 -38.96 -22.04
N MET B 171 -18.66 -39.60 -20.94
CA MET B 171 -19.54 -38.99 -19.98
C MET B 171 -18.88 -39.06 -18.61
N ILE B 172 -18.94 -37.96 -17.87
CA ILE B 172 -18.30 -37.87 -16.56
C ILE B 172 -19.39 -37.79 -15.50
N LYS B 173 -19.28 -38.63 -14.47
CA LYS B 173 -20.32 -38.66 -13.45
C LYS B 173 -20.15 -37.55 -12.41
N SER B 174 -21.28 -37.18 -11.81
CA SER B 174 -21.37 -36.38 -10.57
C SER B 174 -20.34 -35.25 -10.44
N VAL B 175 -20.22 -34.42 -11.48
CA VAL B 175 -19.18 -33.40 -11.53
C VAL B 175 -19.16 -32.58 -10.25
N LYS B 176 -17.99 -32.42 -9.62
CA LYS B 176 -17.88 -31.80 -8.30
C LYS B 176 -16.77 -30.75 -8.25
N ARG B 177 -16.89 -29.84 -7.26
CA ARG B 177 -16.19 -28.55 -7.28
C ARG B 177 -14.67 -28.64 -7.36
N ALA B 178 -14.07 -29.76 -7.00
CA ALA B 178 -12.64 -29.92 -7.20
C ALA B 178 -12.23 -29.79 -8.67
N TYR B 179 -13.08 -30.23 -9.59
CA TYR B 179 -12.67 -30.40 -10.99
C TYR B 179 -12.72 -29.10 -11.81
N HIS B 180 -13.01 -27.96 -11.18
CA HIS B 180 -13.13 -26.70 -11.92
C HIS B 180 -11.84 -26.38 -12.68
N ARG B 181 -12.00 -25.82 -13.88
CA ARG B 181 -10.91 -25.50 -14.81
C ARG B 181 -10.06 -26.71 -15.19
N LEU B 182 -10.47 -27.92 -14.83
CA LEU B 182 -9.71 -29.11 -15.21
C LEU B 182 -9.70 -29.27 -16.73
N CYS B 183 -8.59 -29.73 -17.28
CA CYS B 183 -8.39 -29.75 -18.72
C CYS B 183 -8.01 -31.15 -19.17
N LEU B 184 -8.52 -31.53 -20.34
CA LEU B 184 -8.82 -32.90 -20.68
C LEU B 184 -8.43 -33.23 -22.11
N HIS B 185 -8.06 -34.49 -22.30
CA HIS B 185 -8.02 -35.12 -23.60
C HIS B 185 -8.86 -36.39 -23.51
N CYS B 186 -9.40 -36.82 -24.63
CA CYS B 186 -10.01 -38.14 -24.73
C CYS B 186 -9.21 -38.90 -25.76
N SER B 187 -9.05 -40.21 -25.54
CA SER B 187 -7.93 -40.92 -26.15
C SER B 187 -8.30 -42.36 -26.41
N VAL B 188 -7.62 -42.91 -27.41
CA VAL B 188 -8.01 -44.10 -28.16
C VAL B 188 -6.70 -44.81 -28.47
N ASP B 189 -6.77 -46.13 -28.64
CA ASP B 189 -5.64 -46.87 -29.18
C ASP B 189 -6.02 -47.53 -30.49
N GLN B 190 -5.24 -47.22 -31.53
CA GLN B 190 -5.33 -47.83 -32.84
C GLN B 190 -3.93 -48.30 -33.23
N GLU B 191 -3.84 -49.53 -33.73
CA GLU B 191 -2.57 -50.17 -34.05
C GLU B 191 -1.57 -50.12 -32.89
N GLY B 192 -2.08 -50.15 -31.66
CA GLY B 192 -1.23 -49.99 -30.49
C GLY B 192 -0.67 -48.60 -30.26
N LYS B 193 -0.97 -47.65 -31.13
CA LYS B 193 -0.58 -46.25 -30.98
C LYS B 193 -1.72 -45.45 -30.37
N SER B 194 -1.36 -44.46 -29.55
CA SER B 194 -2.30 -43.86 -28.61
C SER B 194 -2.44 -42.41 -29.02
N VAL B 195 -3.68 -42.00 -29.30
CA VAL B 195 -3.96 -40.85 -30.15
C VAL B 195 -4.95 -39.95 -29.41
N LEU B 196 -4.82 -38.63 -29.60
CA LEU B 196 -5.42 -37.69 -28.67
C LEU B 196 -6.29 -36.66 -29.37
N SER B 197 -7.45 -36.45 -28.77
CA SER B 197 -8.40 -35.40 -29.11
C SER B 197 -7.78 -34.02 -28.99
N GLU B 198 -8.41 -33.06 -29.67
CA GLU B 198 -8.18 -31.66 -29.35
C GLU B 198 -8.72 -31.38 -27.95
N LYS B 199 -8.28 -30.27 -27.38
CA LYS B 199 -8.15 -30.14 -25.94
C LYS B 199 -9.36 -29.41 -25.35
N PHE B 200 -9.69 -29.79 -24.12
CA PHE B 200 -10.95 -29.42 -23.48
C PHE B 200 -10.63 -28.84 -22.12
N ILE B 201 -11.43 -27.86 -21.69
CA ILE B 201 -11.36 -27.35 -20.33
C ILE B 201 -12.76 -27.40 -19.76
N LEU B 202 -12.91 -28.08 -18.62
CA LEU B 202 -14.21 -28.30 -18.01
C LEU B 202 -14.52 -27.14 -17.07
N LYS B 203 -15.78 -26.74 -17.00
CA LYS B 203 -16.22 -25.69 -16.11
C LYS B 203 -17.45 -26.12 -15.32
N VAL B 204 -17.53 -25.68 -14.06
CA VAL B 204 -18.56 -26.13 -13.14
C VAL B 204 -19.22 -24.92 -12.51
N ARG B 205 -20.55 -24.96 -12.39
CA ARG B 205 -21.28 -23.89 -11.75
C ARG B 205 -22.07 -24.40 -10.54
N PRO B 206 -22.06 -23.67 -9.42
CA PRO B 206 -22.24 -24.31 -8.12
C PRO B 206 -23.71 -24.46 -7.76
N ALA B 207 -24.00 -25.51 -6.97
CA ALA B 207 -25.30 -25.64 -6.34
C ALA B 207 -25.24 -25.16 -4.89
N PHE B 208 -26.20 -24.32 -4.50
CA PHE B 208 -26.16 -23.61 -3.22
C PHE B 208 -26.36 -24.57 -2.05
N LYS B 209 -25.34 -24.74 -1.23
CA LYS B 209 -25.46 -25.52 0.00
C LYS B 209 -25.92 -24.70 1.21
N ALA B 210 -25.88 -23.37 1.12
CA ALA B 210 -26.02 -22.53 2.31
C ALA B 210 -26.63 -21.19 1.93
N VAL B 211 -27.05 -20.44 2.95
CA VAL B 211 -27.72 -19.15 2.75
C VAL B 211 -26.75 -18.00 2.54
N PRO B 212 -27.22 -16.88 1.94
CA PRO B 212 -26.43 -15.64 1.89
C PRO B 212 -25.94 -15.19 3.25
N VAL B 213 -24.96 -14.28 3.24
CA VAL B 213 -24.39 -13.73 4.46
C VAL B 213 -24.41 -12.20 4.35
N VAL B 214 -24.90 -11.54 5.39
CA VAL B 214 -25.40 -10.18 5.30
C VAL B 214 -24.82 -9.36 6.44
N SER B 215 -24.36 -8.16 6.14
CA SER B 215 -23.71 -7.29 7.12
C SER B 215 -23.96 -5.84 6.75
N VAL B 216 -24.01 -4.97 7.76
CA VAL B 216 -24.41 -3.58 7.56
C VAL B 216 -23.38 -2.63 8.16
N SER B 217 -23.17 -1.50 7.46
CA SER B 217 -21.95 -0.70 7.62
C SER B 217 -21.88 -0.05 9.00
N LYS B 218 -22.99 0.52 9.45
CA LYS B 218 -23.14 1.02 10.81
C LYS B 218 -24.54 0.70 11.30
N ALA B 219 -24.75 0.86 12.61
CA ALA B 219 -25.75 0.08 13.33
C ALA B 219 -27.11 0.78 13.48
N SER B 220 -27.14 1.98 14.04
CA SER B 220 -28.40 2.71 14.24
C SER B 220 -28.14 4.20 14.21
N TYR B 221 -29.12 4.97 13.70
CA TYR B 221 -28.86 6.34 13.29
C TYR B 221 -29.84 7.34 13.89
N LEU B 222 -29.31 8.50 14.25
CA LEU B 222 -30.09 9.64 14.77
C LEU B 222 -29.59 10.91 14.09
N LEU B 223 -30.52 11.74 13.59
CA LEU B 223 -30.13 12.89 12.79
C LEU B 223 -30.99 14.12 13.11
N ARG B 224 -30.33 15.27 13.18
CA ARG B 224 -31.00 16.56 13.13
C ARG B 224 -31.63 16.80 11.77
N GLU B 225 -32.85 17.36 11.79
CA GLU B 225 -33.70 17.41 10.61
C GLU B 225 -33.01 18.14 9.45
N GLY B 226 -33.37 17.74 8.23
CA GLY B 226 -32.80 18.31 7.03
C GLY B 226 -31.31 18.08 6.92
N GLU B 227 -30.90 16.81 7.00
CA GLU B 227 -29.52 16.42 6.76
C GLU B 227 -29.49 15.16 5.91
N GLU B 228 -28.45 15.02 5.10
CA GLU B 228 -28.31 13.86 4.24
C GLU B 228 -28.04 12.61 5.07
N PHE B 229 -28.64 11.49 4.64
CA PHE B 229 -28.60 10.23 5.38
C PHE B 229 -28.15 9.15 4.41
N THR B 230 -27.12 8.38 4.80
CA THR B 230 -26.49 7.46 3.86
C THR B 230 -25.95 6.25 4.61
N VAL B 231 -26.33 5.07 4.14
CA VAL B 231 -26.13 3.82 4.86
C VAL B 231 -25.82 2.73 3.83
N THR B 232 -24.97 1.79 4.22
CA THR B 232 -24.41 0.82 3.28
C THR B 232 -24.57 -0.60 3.81
N CYS B 233 -24.88 -1.51 2.89
CA CYS B 233 -25.18 -2.90 3.18
C CYS B 233 -24.31 -3.75 2.28
N THR B 234 -23.80 -4.87 2.80
CA THR B 234 -22.81 -5.65 2.07
C THR B 234 -23.10 -7.13 2.20
N ILE B 235 -22.89 -7.85 1.10
CA ILE B 235 -23.28 -9.25 0.98
C ILE B 235 -22.07 -10.02 0.45
N LYS B 236 -21.75 -11.12 1.12
CA LYS B 236 -20.75 -12.06 0.64
C LYS B 236 -21.48 -13.34 0.23
N ASP B 237 -21.15 -13.87 -0.94
CA ASP B 237 -21.86 -15.07 -1.37
C ASP B 237 -21.07 -15.81 -2.44
N VAL B 238 -21.49 -17.05 -2.69
CA VAL B 238 -20.82 -17.96 -3.60
C VAL B 238 -20.99 -17.57 -5.07
N SER B 239 -22.00 -16.76 -5.41
CA SER B 239 -22.31 -16.54 -6.83
C SER B 239 -22.93 -15.18 -7.08
N SER B 240 -22.70 -14.68 -8.29
CA SER B 240 -23.30 -13.48 -8.86
C SER B 240 -24.80 -13.58 -9.14
N SER B 241 -25.41 -14.75 -8.98
CA SER B 241 -26.85 -14.90 -9.24
C SER B 241 -27.74 -14.48 -8.08
N VAL B 242 -27.16 -14.18 -6.92
CA VAL B 242 -27.92 -13.85 -5.73
C VAL B 242 -28.78 -12.58 -5.89
N TYR B 243 -29.95 -12.59 -5.25
CA TYR B 243 -30.94 -11.51 -5.31
C TYR B 243 -31.05 -10.79 -3.97
N SER B 244 -30.98 -9.45 -4.01
CA SER B 244 -30.91 -8.63 -2.80
C SER B 244 -31.58 -7.28 -3.01
N THR B 245 -32.12 -6.73 -1.92
CA THR B 245 -33.01 -5.56 -2.00
C THR B 245 -32.94 -4.76 -0.70
N TRP B 246 -33.47 -3.54 -0.77
CA TRP B 246 -33.74 -2.70 0.40
C TRP B 246 -35.22 -2.40 0.40
N LYS B 247 -35.82 -2.48 1.57
CA LYS B 247 -37.23 -2.17 1.74
C LYS B 247 -37.42 -1.60 3.13
N ARG B 248 -38.48 -0.82 3.29
CA ARG B 248 -38.68 -0.01 4.48
C ARG B 248 -39.83 -0.65 5.23
N GLU B 249 -39.73 -0.66 6.56
CA GLU B 249 -40.68 -1.47 7.32
C GLU B 249 -42.09 -0.97 7.07
N ASN B 250 -43.01 -1.92 6.95
CA ASN B 250 -44.42 -1.63 6.66
C ASN B 250 -44.66 -0.98 5.28
N SER B 251 -43.74 -1.05 4.33
CA SER B 251 -44.10 -0.67 2.96
C SER B 251 -43.25 -1.40 1.92
N GLN B 252 -43.82 -1.54 0.73
CA GLN B 252 -43.19 -2.25 -0.38
C GLN B 252 -42.83 -1.38 -1.59
N THR B 253 -42.82 -0.06 -1.47
CA THR B 253 -42.07 0.75 -2.42
C THR B 253 -40.59 0.42 -2.30
N LYS B 254 -40.00 -0.13 -3.36
CA LYS B 254 -38.54 -0.19 -3.43
C LYS B 254 -37.96 1.20 -3.58
N LEU B 255 -37.00 1.54 -2.73
CA LEU B 255 -36.27 2.79 -2.84
C LEU B 255 -35.21 2.72 -3.94
N GLN B 256 -34.76 3.88 -4.39
CA GLN B 256 -33.59 3.96 -5.25
C GLN B 256 -32.33 3.54 -4.50
N GLU B 257 -31.45 2.80 -5.18
CA GLU B 257 -30.22 2.31 -4.59
C GLU B 257 -29.18 2.12 -5.68
N LYS B 258 -27.90 2.12 -5.28
CA LYS B 258 -26.79 1.95 -6.22
C LYS B 258 -25.85 0.85 -5.75
N TYR B 259 -25.28 0.11 -6.72
CA TYR B 259 -24.72 -1.23 -6.47
C TYR B 259 -23.28 -1.31 -6.99
N ASN B 260 -22.46 -2.07 -6.29
CA ASN B 260 -21.06 -2.30 -6.69
C ASN B 260 -20.65 -3.71 -6.28
N SER B 261 -19.76 -4.33 -7.05
CA SER B 261 -19.49 -5.76 -6.90
C SER B 261 -18.03 -6.08 -7.23
N TRP B 262 -17.52 -7.15 -6.62
CA TRP B 262 -16.20 -7.71 -6.93
C TRP B 262 -16.19 -9.23 -6.93
N HIS B 263 -15.39 -9.84 -7.81
CA HIS B 263 -15.07 -11.27 -7.77
C HIS B 263 -13.72 -11.51 -7.09
N HIS B 264 -13.74 -11.91 -5.82
CA HIS B 264 -12.51 -12.24 -5.09
C HIS B 264 -12.19 -13.73 -5.19
N GLY B 265 -11.80 -14.14 -6.40
CA GLY B 265 -11.39 -15.51 -6.63
C GLY B 265 -12.56 -16.43 -6.97
N ASP B 266 -12.23 -17.71 -7.17
CA ASP B 266 -13.22 -18.69 -7.59
C ASP B 266 -14.31 -18.87 -6.55
N PHE B 267 -15.55 -19.04 -7.02
CA PHE B 267 -16.72 -19.28 -6.14
C PHE B 267 -16.81 -18.26 -5.02
N ASN B 268 -16.53 -17.00 -5.30
CA ASN B 268 -16.42 -16.00 -4.25
C ASN B 268 -16.79 -14.63 -4.81
N TYR B 269 -17.99 -14.17 -4.45
CA TYR B 269 -18.62 -13.02 -5.06
C TYR B 269 -19.05 -12.06 -3.96
N GLU B 270 -19.00 -10.76 -4.24
CA GLU B 270 -19.29 -9.77 -3.23
C GLU B 270 -20.06 -8.62 -3.84
N ARG B 271 -21.05 -8.12 -3.11
CA ARG B 271 -21.89 -7.03 -3.55
C ARG B 271 -22.02 -6.01 -2.42
N GLN B 272 -22.08 -4.75 -2.79
CA GLN B 272 -22.38 -3.68 -1.84
C GLN B 272 -23.50 -2.84 -2.42
N ALA B 273 -24.41 -2.40 -1.54
CA ALA B 273 -25.50 -1.55 -1.95
C ALA B 273 -25.57 -0.37 -0.98
N THR B 274 -25.93 0.79 -1.51
CA THR B 274 -25.96 2.02 -0.73
C THR B 274 -27.29 2.70 -0.94
N LEU B 275 -27.79 3.29 0.13
CA LEU B 275 -29.10 3.91 0.17
C LEU B 275 -28.91 5.31 0.73
N THR B 276 -29.64 6.25 0.16
CA THR B 276 -29.45 7.66 0.48
C THR B 276 -30.79 8.36 0.57
N ILE B 277 -30.93 9.22 1.56
CA ILE B 277 -31.93 10.26 1.53
C ILE B 277 -31.18 11.58 1.54
N SER B 278 -31.44 12.41 0.52
CA SER B 278 -30.63 13.62 0.33
C SER B 278 -30.81 14.56 1.52
N SER B 279 -32.03 14.62 2.04
CA SER B 279 -32.44 15.55 3.08
C SER B 279 -33.53 14.86 3.88
N ALA B 280 -33.31 14.71 5.19
CA ALA B 280 -34.29 14.07 6.05
C ALA B 280 -35.47 14.98 6.36
N ARG B 281 -36.66 14.37 6.38
CA ARG B 281 -37.84 14.89 7.08
C ARG B 281 -38.33 13.84 8.07
N VAL B 282 -38.95 14.32 9.17
CA VAL B 282 -39.14 13.51 10.35
C VAL B 282 -39.93 12.23 10.05
N ASN B 283 -40.80 12.26 9.03
CA ASN B 283 -41.44 11.05 8.52
C ASN B 283 -40.45 9.92 8.27
N ASP B 284 -39.24 10.24 7.85
CA ASP B 284 -38.22 9.24 7.51
C ASP B 284 -37.80 8.35 8.68
N SER B 285 -38.16 8.68 9.91
CA SER B 285 -37.81 7.81 11.04
C SER B 285 -38.41 6.42 10.88
N GLY B 286 -37.70 5.41 11.38
CA GLY B 286 -38.19 4.04 11.39
C GLY B 286 -37.21 2.94 11.01
N VAL B 287 -37.74 1.71 10.94
CA VAL B 287 -36.97 0.54 10.53
C VAL B 287 -36.67 0.55 9.04
N PHE B 288 -35.43 0.22 8.70
CA PHE B 288 -35.02 -0.15 7.35
C PHE B 288 -34.40 -1.54 7.38
N MET B 289 -34.59 -2.28 6.30
CA MET B 289 -34.17 -3.68 6.24
C MET B 289 -33.44 -3.99 4.93
N CYS B 290 -32.29 -4.63 5.05
CA CYS B 290 -31.54 -5.17 3.93
C CYS B 290 -31.86 -6.66 3.84
N TYR B 291 -32.22 -7.14 2.66
CA TYR B 291 -32.86 -8.44 2.51
C TYR B 291 -32.31 -9.20 1.31
N ALA B 292 -31.97 -10.47 1.52
CA ALA B 292 -31.24 -11.27 0.55
C ALA B 292 -31.87 -12.66 0.42
N ASN B 293 -31.75 -13.22 -0.78
CA ASN B 293 -32.37 -14.49 -1.15
C ASN B 293 -31.58 -15.19 -2.24
N ASN B 294 -31.48 -16.53 -2.14
CA ASN B 294 -31.02 -17.40 -3.20
C ASN B 294 -31.84 -18.69 -3.11
N THR B 295 -31.58 -19.64 -4.02
CA THR B 295 -32.43 -20.83 -4.04
C THR B 295 -32.29 -21.74 -2.82
N PHE B 296 -31.47 -21.40 -1.82
CA PHE B 296 -31.42 -22.20 -0.61
C PHE B 296 -32.14 -21.58 0.58
N GLY B 297 -32.33 -20.27 0.59
CA GLY B 297 -32.90 -19.58 1.73
C GLY B 297 -32.35 -18.17 1.83
N SER B 298 -32.48 -17.58 3.02
CA SER B 298 -32.52 -16.13 3.09
C SER B 298 -32.19 -15.63 4.50
N ALA B 299 -31.93 -14.33 4.58
CA ALA B 299 -31.45 -13.67 5.78
C ALA B 299 -31.71 -12.18 5.63
N ASN B 300 -31.58 -11.44 6.72
CA ASN B 300 -31.64 -9.99 6.70
C ASN B 300 -30.69 -9.34 7.71
N VAL B 301 -30.67 -8.01 7.65
CA VAL B 301 -30.16 -7.12 8.67
C VAL B 301 -31.06 -5.89 8.71
N THR B 302 -31.36 -5.42 9.91
CA THR B 302 -32.22 -4.26 10.09
C THR B 302 -31.45 -3.14 10.76
N THR B 303 -31.90 -1.91 10.52
CA THR B 303 -31.37 -0.74 11.19
C THR B 303 -32.50 0.26 11.35
N THR B 304 -32.32 1.19 12.29
CA THR B 304 -33.34 2.19 12.58
C THR B 304 -32.77 3.59 12.56
N LEU B 305 -33.48 4.48 11.88
CA LEU B 305 -33.16 5.89 11.82
C LEU B 305 -34.20 6.63 12.66
N GLU B 306 -33.73 7.49 13.55
CA GLU B 306 -34.56 8.52 14.17
C GLU B 306 -34.19 9.90 13.63
N VAL B 307 -35.17 10.61 13.11
CA VAL B 307 -35.00 11.97 12.60
C VAL B 307 -35.68 12.90 13.60
N VAL B 308 -34.93 13.86 14.13
CA VAL B 308 -35.49 14.79 15.10
C VAL B 308 -35.40 16.21 14.58
N ASP B 309 -36.43 17.00 14.94
CA ASP B 309 -36.56 18.38 14.50
C ASP B 309 -35.45 19.27 15.07
N LYS B 310 -35.23 19.19 16.39
CA LYS B 310 -34.30 20.08 17.08
C LYS B 310 -33.57 19.35 18.19
N GLY B 311 -32.77 20.11 18.94
CA GLY B 311 -31.78 19.60 19.89
C GLY B 311 -31.99 20.05 21.33
N PHE B 312 -31.34 19.36 22.27
CA PHE B 312 -31.71 19.37 23.68
C PHE B 312 -30.48 19.19 24.55
N ILE B 313 -30.60 19.58 25.82
CA ILE B 313 -29.68 19.14 26.87
C ILE B 313 -30.47 18.83 28.14
N ASN B 314 -30.24 17.65 28.71
CA ASN B 314 -31.03 17.11 29.82
C ASN B 314 -30.08 16.63 30.92
N ILE B 315 -30.40 16.96 32.17
CA ILE B 315 -29.43 16.95 33.25
C ILE B 315 -29.98 16.17 34.43
N PHE B 316 -29.09 15.42 35.09
CA PHE B 316 -29.44 14.65 36.29
C PHE B 316 -28.33 14.76 37.33
N PRO B 317 -28.63 15.22 38.54
CA PRO B 317 -27.63 15.20 39.61
C PRO B 317 -27.46 13.80 40.18
N MET B 318 -26.21 13.43 40.48
CA MET B 318 -25.92 12.18 41.16
C MET B 318 -26.14 12.23 42.67
N ILE B 319 -26.33 13.40 43.26
CA ILE B 319 -26.57 13.53 44.69
C ILE B 319 -27.54 14.69 44.94
N ASN B 320 -28.07 14.73 46.17
CA ASN B 320 -28.94 15.82 46.60
C ASN B 320 -28.26 17.18 46.44
N THR B 321 -29.08 18.20 46.18
CA THR B 321 -28.59 19.49 45.69
C THR B 321 -27.87 20.30 46.76
N THR B 322 -28.04 19.96 48.04
CA THR B 322 -27.50 20.75 49.13
C THR B 322 -26.90 19.84 50.18
N VAL B 323 -25.72 20.20 50.68
CA VAL B 323 -24.76 19.23 51.20
C VAL B 323 -24.00 19.84 52.36
N PHE B 324 -23.62 18.98 53.30
CA PHE B 324 -23.13 19.38 54.62
C PHE B 324 -21.84 18.64 54.91
N VAL B 325 -20.78 19.38 55.22
CA VAL B 325 -19.42 18.84 55.18
C VAL B 325 -18.57 19.55 56.23
N ASN B 326 -17.64 18.80 56.82
CA ASN B 326 -16.82 19.29 57.93
C ASN B 326 -15.56 19.98 57.43
N ASP B 327 -14.99 20.81 58.31
CA ASP B 327 -13.75 21.53 58.01
C ASP B 327 -12.62 20.57 57.63
N GLY B 328 -11.97 20.87 56.51
CA GLY B 328 -10.94 20.02 55.96
C GLY B 328 -11.43 18.71 55.39
N GLU B 329 -12.75 18.50 55.36
CA GLU B 329 -13.32 17.33 54.71
C GLU B 329 -13.28 17.48 53.20
N ASN B 330 -13.84 16.48 52.52
CA ASN B 330 -13.66 16.30 51.09
C ASN B 330 -15.00 15.87 50.49
N VAL B 331 -15.35 16.48 49.36
CA VAL B 331 -16.63 16.21 48.71
C VAL B 331 -16.45 16.35 47.20
N ASP B 332 -17.13 15.49 46.45
CA ASP B 332 -17.12 15.54 45.01
C ASP B 332 -18.56 15.65 44.51
N LEU B 333 -18.75 16.44 43.46
CA LEU B 333 -20.06 16.79 42.95
C LEU B 333 -20.12 16.32 41.51
N ILE B 334 -21.28 15.81 41.11
CA ILE B 334 -21.38 14.99 39.90
C ILE B 334 -22.65 15.38 39.18
N VAL B 335 -22.54 15.47 37.86
CA VAL B 335 -23.71 15.57 37.00
C VAL B 335 -23.58 14.56 35.88
N GLU B 336 -24.72 14.00 35.48
CA GLU B 336 -24.82 13.19 34.28
C GLU B 336 -25.85 13.86 33.39
N TYR B 337 -25.57 13.93 32.09
CA TYR B 337 -26.44 14.69 31.20
C TYR B 337 -26.45 14.08 29.81
N GLU B 338 -27.63 14.16 29.19
CA GLU B 338 -27.88 13.71 27.83
C GLU B 338 -28.05 14.93 26.93
N ALA B 339 -27.38 14.92 25.77
CA ALA B 339 -27.36 16.11 24.93
C ALA B 339 -27.29 15.72 23.46
N PHE B 340 -27.97 16.49 22.62
CA PHE B 340 -27.69 16.51 21.20
C PHE B 340 -28.06 17.88 20.63
N PRO B 341 -27.27 18.43 19.69
CA PRO B 341 -25.92 17.99 19.27
C PRO B 341 -24.90 17.99 20.41
N LYS B 342 -23.68 17.56 20.07
CA LYS B 342 -22.61 17.42 21.03
C LYS B 342 -22.31 18.72 21.80
N PRO B 343 -21.73 18.58 23.00
CA PRO B 343 -21.49 19.75 23.87
C PRO B 343 -20.52 20.75 23.25
N GLU B 344 -20.75 22.03 23.55
CA GLU B 344 -19.92 23.12 23.05
C GLU B 344 -18.92 23.59 24.10
N HIS B 345 -19.37 23.95 25.30
CA HIS B 345 -18.47 23.99 26.46
C HIS B 345 -19.26 23.70 27.72
N GLN B 346 -18.58 23.03 28.66
CA GLN B 346 -18.93 23.01 30.07
C GLN B 346 -18.09 24.04 30.83
N GLN B 347 -18.70 24.64 31.86
CA GLN B 347 -17.97 25.49 32.80
C GLN B 347 -18.51 25.31 34.21
N TRP B 348 -17.63 25.57 35.18
CA TRP B 348 -17.88 25.39 36.61
C TRP B 348 -17.52 26.70 37.30
N ILE B 349 -18.44 27.26 38.07
CA ILE B 349 -18.28 28.62 38.58
C ILE B 349 -18.90 28.72 39.97
N TYR B 350 -18.28 29.53 40.82
CA TYR B 350 -18.65 29.66 42.22
C TYR B 350 -18.76 31.11 42.63
N MET B 351 -19.85 31.44 43.33
CA MET B 351 -19.99 32.69 44.08
C MET B 351 -19.49 33.91 43.30
N ASN B 352 -20.16 34.16 42.16
CA ASN B 352 -19.80 35.29 41.31
C ASN B 352 -18.33 35.27 40.91
N ARG B 353 -17.79 34.07 40.74
CA ARG B 353 -16.37 33.87 40.46
C ARG B 353 -16.21 32.54 39.73
N THR B 354 -15.03 32.34 39.16
CA THR B 354 -14.75 31.11 38.42
C THR B 354 -14.53 29.93 39.38
N PHE B 355 -14.60 28.72 38.82
CA PHE B 355 -13.88 27.57 39.34
C PHE B 355 -13.02 26.95 38.24
N THR B 356 -11.90 26.36 38.64
CA THR B 356 -10.83 26.03 37.70
C THR B 356 -10.07 24.77 38.10
N ASP B 357 -9.84 23.89 37.13
CA ASP B 357 -8.75 22.92 37.12
C ASP B 357 -8.80 21.88 38.25
N LYS B 358 -9.94 21.69 38.92
CA LYS B 358 -10.11 20.57 39.84
C LYS B 358 -11.27 19.68 39.43
N TRP B 359 -11.49 19.55 38.12
CA TRP B 359 -12.67 18.84 37.61
C TRP B 359 -12.36 18.14 36.29
N GLU B 360 -13.17 17.12 36.00
CA GLU B 360 -13.04 16.26 34.83
C GLU B 360 -14.40 16.15 34.15
N ASP B 361 -14.39 16.05 32.81
CA ASP B 361 -15.61 15.84 32.05
C ASP B 361 -15.36 14.95 30.84
N TYR B 362 -16.02 13.78 30.80
CA TYR B 362 -15.78 12.76 29.79
C TYR B 362 -17.06 11.98 29.51
N PRO B 363 -17.24 11.49 28.28
CA PRO B 363 -18.45 10.72 27.94
C PRO B 363 -18.63 9.46 28.79
N LYS B 364 -19.91 9.18 29.11
CA LYS B 364 -20.26 7.97 29.84
C LYS B 364 -19.96 6.69 29.07
N SER B 365 -19.96 6.73 27.74
CA SER B 365 -19.57 5.55 26.96
C SER B 365 -18.87 5.96 25.66
N GLU B 366 -17.95 5.11 25.23
CA GLU B 366 -17.16 5.30 24.01
C GLU B 366 -17.90 4.91 22.73
N ASN B 367 -19.05 4.26 22.82
CA ASN B 367 -19.75 3.81 21.63
C ASN B 367 -20.09 4.98 20.70
N GLU B 368 -20.13 4.68 19.41
CA GLU B 368 -20.55 5.68 18.41
C GLU B 368 -21.88 6.32 18.80
N SER B 369 -22.82 5.51 19.29
CA SER B 369 -24.13 5.93 19.76
C SER B 369 -24.11 6.90 20.94
N ASN B 370 -22.95 7.15 21.55
CA ASN B 370 -22.89 7.83 22.84
C ASN B 370 -23.58 9.20 22.85
N ILE B 371 -24.53 9.36 23.77
CA ILE B 371 -25.30 10.58 23.96
C ILE B 371 -25.15 11.16 25.36
N ARG B 372 -24.37 10.51 26.23
CA ARG B 372 -24.45 10.72 27.67
C ARG B 372 -23.07 11.01 28.23
N TYR B 373 -23.03 11.94 29.17
CA TYR B 373 -21.80 12.62 29.55
C TYR B 373 -21.86 12.94 31.03
N VAL B 374 -20.70 12.88 31.68
CA VAL B 374 -20.57 13.15 33.10
C VAL B 374 -19.46 14.16 33.34
N SER B 375 -19.66 15.00 34.35
CA SER B 375 -18.58 15.78 34.93
C SER B 375 -18.58 15.60 36.44
N GLU B 376 -17.38 15.55 37.01
CA GLU B 376 -17.18 15.53 38.45
C GLU B 376 -16.25 16.66 38.85
N LEU B 377 -16.49 17.21 40.03
CA LEU B 377 -15.73 18.34 40.54
C LEU B 377 -15.39 18.11 42.00
N HIS B 378 -14.12 18.29 42.35
CA HIS B 378 -13.60 17.98 43.68
C HIS B 378 -13.51 19.25 44.51
N LEU B 379 -14.08 19.20 45.71
CA LEU B 379 -13.77 20.11 46.81
C LEU B 379 -13.08 19.31 47.90
N THR B 380 -11.83 19.64 48.21
CA THR B 380 -11.00 18.74 49.00
C THR B 380 -10.09 19.54 49.92
N ARG B 381 -9.96 19.05 51.16
CA ARG B 381 -9.53 19.85 52.30
C ARG B 381 -10.24 21.21 52.32
N LEU B 382 -11.55 21.13 52.15
CA LEU B 382 -12.41 22.30 52.12
C LEU B 382 -12.26 23.09 53.41
N LYS B 383 -11.83 24.35 53.28
CA LYS B 383 -11.67 25.22 54.44
C LYS B 383 -13.02 25.80 54.86
N GLY B 384 -13.13 26.15 56.14
CA GLY B 384 -14.41 26.19 56.82
C GLY B 384 -15.34 27.31 56.40
N THR B 385 -14.81 28.37 55.77
CA THR B 385 -15.63 29.51 55.37
C THR B 385 -16.12 29.44 53.92
N GLU B 386 -15.62 28.51 53.13
CA GLU B 386 -15.72 28.57 51.68
C GLU B 386 -17.08 28.10 51.15
N GLY B 387 -17.94 27.60 52.04
CA GLY B 387 -19.28 27.18 51.68
C GLY B 387 -20.12 28.30 51.07
N GLY B 388 -21.25 27.89 50.50
CA GLY B 388 -22.05 28.73 49.62
C GLY B 388 -22.60 27.98 48.41
N THR B 389 -22.42 28.51 47.20
CA THR B 389 -23.16 28.00 46.05
C THR B 389 -22.26 27.77 44.84
N TYR B 390 -22.40 26.60 44.24
CA TYR B 390 -21.50 26.09 43.22
C TYR B 390 -22.38 25.69 42.05
N THR B 391 -22.04 26.17 40.86
CA THR B 391 -22.98 26.13 39.74
C THR B 391 -22.26 25.72 38.47
N PHE B 392 -22.98 24.98 37.65
CA PHE B 392 -22.42 24.33 36.47
C PHE B 392 -23.27 24.72 35.28
N LEU B 393 -22.61 24.98 34.17
CA LEU B 393 -23.29 25.48 32.97
C LEU B 393 -22.72 24.76 31.75
N VAL B 394 -23.60 24.49 30.79
CA VAL B 394 -23.22 23.76 29.60
C VAL B 394 -24.00 24.30 28.41
N SER B 395 -23.34 24.30 27.27
CA SER B 395 -23.81 24.90 26.03
C SER B 395 -23.69 23.90 24.90
N ASN B 396 -24.63 23.94 23.96
CA ASN B 396 -24.38 23.42 22.63
C ASN B 396 -24.95 24.40 21.60
N SER B 397 -25.05 23.94 20.36
CA SER B 397 -25.53 24.78 19.26
C SER B 397 -26.92 25.34 19.51
N ASP B 398 -27.80 24.61 20.20
CA ASP B 398 -29.20 24.97 20.27
C ASP B 398 -29.69 25.34 21.65
N VAL B 399 -28.97 24.97 22.71
CA VAL B 399 -29.52 24.96 24.06
C VAL B 399 -28.41 25.29 25.05
N ASN B 400 -28.79 25.93 26.14
CA ASN B 400 -27.92 26.13 27.29
C ASN B 400 -28.67 25.74 28.55
N ALA B 401 -27.93 25.13 29.49
CA ALA B 401 -28.54 24.56 30.67
C ALA B 401 -27.59 24.73 31.85
N ALA B 402 -28.15 24.94 33.03
CA ALA B 402 -27.38 25.29 34.21
C ALA B 402 -28.01 24.65 35.44
N ILE B 403 -27.16 24.25 36.38
CA ILE B 403 -27.62 23.59 37.60
C ILE B 403 -26.68 23.95 38.74
N ALA B 404 -27.24 24.08 39.94
CA ALA B 404 -26.56 24.69 41.08
C ALA B 404 -26.69 23.84 42.35
N PHE B 405 -25.64 23.87 43.16
CA PHE B 405 -25.52 23.13 44.41
C PHE B 405 -25.14 24.09 45.52
N ASN B 406 -25.65 23.84 46.72
CA ASN B 406 -25.47 24.75 47.85
C ASN B 406 -24.87 24.02 49.04
N VAL B 407 -24.00 24.72 49.77
CA VAL B 407 -22.97 24.07 50.58
C VAL B 407 -22.88 24.76 51.93
N TYR B 408 -22.94 23.98 53.00
CA TYR B 408 -22.91 24.49 54.37
C TYR B 408 -21.99 23.61 55.21
N VAL B 409 -21.30 24.23 56.16
CA VAL B 409 -20.08 23.65 56.74
C VAL B 409 -20.32 23.24 58.18
N ASN B 410 -20.11 21.96 58.46
CA ASN B 410 -20.09 21.43 59.82
C ASN B 410 -18.83 21.93 60.53
N THR B 411 -19.01 22.71 61.59
CA THR B 411 -17.92 23.33 62.33
C THR B 411 -17.99 22.95 63.80
N LYS B 412 -16.84 22.65 64.40
CA LYS B 412 -16.81 22.43 65.83
C LYS B 412 -17.20 23.73 66.55
N PRO B 413 -17.84 23.66 67.72
CA PRO B 413 -18.25 24.89 68.38
C PRO B 413 -17.07 25.83 68.58
N GLU B 414 -17.34 27.13 68.47
CA GLU B 414 -16.35 28.18 68.73
C GLU B 414 -16.98 29.17 69.70
N ILE B 415 -16.29 29.41 70.82
CA ILE B 415 -16.96 29.86 72.03
C ILE B 415 -16.21 31.04 72.64
N LEU B 416 -16.94 31.88 73.38
CA LEU B 416 -16.37 33.10 73.92
C LEU B 416 -17.27 33.62 75.04
N ILE B 417 -16.71 34.55 75.82
CA ILE B 417 -17.26 35.01 77.09
C ILE B 417 -17.36 36.53 77.11
N ARG B 418 -18.46 37.02 77.65
CA ARG B 418 -18.62 38.45 77.89
C ARG B 418 -19.40 38.63 79.18
N LEU B 419 -18.75 39.30 80.13
CA LEU B 419 -19.37 39.78 81.36
C LEU B 419 -20.32 40.94 81.08
N VAL B 420 -21.59 40.79 81.40
CA VAL B 420 -22.54 41.89 81.27
C VAL B 420 -23.26 42.07 82.61
N ASN B 421 -23.09 43.25 83.20
CA ASN B 421 -23.70 43.67 84.47
C ASN B 421 -23.45 42.59 85.53
N GLY B 422 -24.48 42.08 86.20
CA GLY B 422 -24.39 41.01 87.18
C GLY B 422 -24.47 39.62 86.58
N MET B 423 -24.47 39.52 85.26
CA MET B 423 -24.86 38.32 84.55
C MET B 423 -23.75 37.97 83.56
N LEU B 424 -23.49 36.68 83.40
CA LEU B 424 -22.23 36.20 82.86
C LEU B 424 -22.59 35.28 81.72
N GLN B 425 -22.18 35.67 80.50
CA GLN B 425 -22.76 35.13 79.28
C GLN B 425 -21.74 34.42 78.41
N CYS B 426 -22.20 33.34 77.80
CA CYS B 426 -21.36 32.27 77.27
C CYS B 426 -21.87 32.10 75.83
N VAL B 427 -20.97 32.26 74.84
CA VAL B 427 -21.37 32.67 73.50
C VAL B 427 -20.63 31.79 72.48
N ALA B 428 -21.39 31.12 71.60
CA ALA B 428 -20.82 30.04 70.82
C ALA B 428 -21.50 29.95 69.46
N ALA B 429 -20.73 29.59 68.44
CA ALA B 429 -21.22 29.54 67.07
C ALA B 429 -20.75 28.28 66.35
N GLY B 430 -21.63 27.79 65.48
CA GLY B 430 -21.29 26.79 64.48
C GLY B 430 -22.53 26.48 63.68
N PHE B 431 -22.38 26.28 62.38
CA PHE B 431 -23.35 25.45 61.69
C PHE B 431 -23.02 23.97 61.93
N PRO B 432 -24.02 23.12 62.24
CA PRO B 432 -25.32 23.44 62.87
C PRO B 432 -25.14 23.81 64.36
N GLU B 433 -26.18 24.38 64.96
CA GLU B 433 -26.07 25.04 66.26
C GLU B 433 -25.38 24.16 67.32
N PRO B 434 -24.54 24.75 68.18
CA PRO B 434 -24.14 24.10 69.43
C PRO B 434 -25.22 24.16 70.51
N THR B 435 -25.21 23.16 71.39
CA THR B 435 -26.00 23.15 72.62
C THR B 435 -25.07 23.21 73.82
N ILE B 436 -25.48 23.95 74.87
CA ILE B 436 -24.59 24.21 76.01
C ILE B 436 -25.16 23.68 77.32
N ASP B 437 -24.24 23.27 78.20
CA ASP B 437 -24.48 22.86 79.57
C ASP B 437 -23.60 23.69 80.50
N TRP B 438 -24.12 24.05 81.66
CA TRP B 438 -23.30 24.58 82.75
C TRP B 438 -23.05 23.50 83.81
N TYR B 439 -21.80 23.42 84.26
CA TYR B 439 -21.40 22.43 85.27
C TYR B 439 -20.13 22.87 86.00
N LYS B 469 -23.06 30.03 59.90
CA LYS B 469 -22.96 29.71 61.32
C LYS B 469 -24.21 30.11 62.08
N LEU B 470 -24.73 29.20 62.89
CA LEU B 470 -25.67 29.55 63.95
C LEU B 470 -24.96 30.05 65.19
N VAL B 471 -25.50 31.10 65.81
CA VAL B 471 -24.98 31.67 67.05
C VAL B 471 -25.96 31.39 68.18
N VAL B 472 -25.44 30.83 69.28
CA VAL B 472 -26.22 30.51 70.47
C VAL B 472 -25.65 31.25 71.67
N GLN B 473 -26.53 31.64 72.60
CA GLN B 473 -26.14 32.40 73.78
C GLN B 473 -26.78 31.83 75.04
N SER B 474 -25.98 31.74 76.11
CA SER B 474 -26.38 31.19 77.39
C SER B 474 -26.03 32.18 78.51
N SER B 475 -26.97 32.42 79.41
CA SER B 475 -26.86 33.47 80.43
C SER B 475 -27.14 32.85 81.80
N ILE B 476 -26.28 33.15 82.77
CA ILE B 476 -26.21 32.44 84.03
C ILE B 476 -26.70 33.31 85.18
N ASP B 477 -27.37 32.68 86.14
CA ASP B 477 -27.83 33.34 87.36
C ASP B 477 -26.81 33.18 88.49
N ASN B 484 -16.39 28.47 97.27
CA ASN B 484 -15.12 28.52 96.57
C ASN B 484 -14.99 27.36 95.58
N GLY B 485 -14.32 27.60 94.45
CA GLY B 485 -14.46 26.79 93.25
C GLY B 485 -14.93 27.62 92.08
N THR B 486 -15.63 26.97 91.13
CA THR B 486 -15.62 27.53 89.78
C THR B 486 -16.92 27.33 89.02
N VAL B 487 -17.16 28.26 88.10
CA VAL B 487 -18.15 28.21 87.02
C VAL B 487 -17.54 27.63 85.74
N GLU B 488 -17.98 26.45 85.33
CA GLU B 488 -17.64 25.86 84.04
C GLU B 488 -18.82 25.89 83.08
N CYS B 489 -18.58 26.35 81.84
CA CYS B 489 -19.60 26.45 80.79
C CYS B 489 -19.11 25.67 79.58
N LYS B 490 -19.94 24.74 79.12
CA LYS B 490 -19.57 23.77 78.09
C LYS B 490 -20.65 23.74 77.02
N ALA B 491 -20.24 23.63 75.77
CA ALA B 491 -21.17 23.39 74.68
C ALA B 491 -20.70 22.21 73.84
N TYR B 492 -21.67 21.48 73.29
CA TYR B 492 -21.40 20.32 72.44
C TYR B 492 -22.22 20.47 71.17
N ASN B 493 -21.63 20.13 70.02
CA ASN B 493 -22.41 19.85 68.83
C ASN B 493 -21.94 18.51 68.25
N ASP B 494 -22.62 18.05 67.19
CA ASP B 494 -22.18 16.80 66.55
C ASP B 494 -20.73 16.88 66.11
N VAL B 495 -20.24 18.08 65.80
CA VAL B 495 -18.92 18.24 65.21
C VAL B 495 -17.82 18.13 66.26
N GLY B 496 -18.07 18.62 67.47
CA GLY B 496 -17.06 18.65 68.51
C GLY B 496 -17.60 19.33 69.75
N LYS B 497 -16.70 19.61 70.71
CA LYS B 497 -17.05 20.33 71.93
C LYS B 497 -15.96 21.31 72.35
N THR B 498 -16.35 22.27 73.21
CA THR B 498 -15.47 23.32 73.75
C THR B 498 -16.06 23.86 75.05
N SER B 499 -15.25 24.60 75.81
CA SER B 499 -15.64 24.95 77.19
C SER B 499 -14.91 26.19 77.71
N ALA B 500 -15.45 26.74 78.82
CA ALA B 500 -15.02 28.01 79.45
C ALA B 500 -14.93 27.87 80.97
N TYR B 501 -13.98 28.60 81.58
CA TYR B 501 -13.71 28.54 83.03
C TYR B 501 -13.52 29.89 83.69
N PHE B 502 -14.25 30.14 84.79
CA PHE B 502 -14.01 31.27 85.70
C PHE B 502 -14.25 30.80 87.13
N ASN B 503 -13.60 31.44 88.11
CA ASN B 503 -13.66 30.89 89.46
C ASN B 503 -13.74 31.95 90.57
N PHE B 504 -14.21 31.47 91.73
CA PHE B 504 -14.42 32.25 92.95
C PHE B 504 -13.59 31.65 94.09
N ALA B 505 -13.02 32.50 94.94
CA ALA B 505 -12.23 32.03 96.08
C ALA B 505 -12.85 32.43 97.41
N ILE C 3 36.23 -4.59 -11.24
CA ILE C 3 35.81 -3.16 -11.41
C ILE C 3 34.61 -3.06 -12.34
N CYS C 4 33.97 -1.88 -12.36
CA CYS C 4 32.59 -1.70 -12.77
C CYS C 4 31.61 -2.47 -11.88
N ARG C 5 32.08 -2.99 -10.75
CA ARG C 5 31.25 -3.74 -9.82
C ARG C 5 30.22 -2.87 -9.11
N ASN C 6 30.23 -1.55 -9.37
CA ASN C 6 29.35 -0.61 -8.72
C ASN C 6 28.29 -0.04 -9.66
N ARG C 7 28.53 -0.08 -10.97
CA ARG C 7 27.57 0.43 -11.93
C ARG C 7 26.28 -0.39 -11.95
N VAL C 8 26.32 -1.62 -11.43
CA VAL C 8 25.19 -2.54 -11.47
C VAL C 8 24.24 -2.31 -10.31
N THR C 9 23.26 -1.40 -10.48
CA THR C 9 22.32 -1.17 -9.39
C THR C 9 21.43 -2.40 -9.19
N ASN C 10 20.79 -2.46 -8.04
CA ASN C 10 20.06 -3.66 -7.62
C ASN C 10 18.66 -3.82 -8.25
N ASN C 11 18.27 -2.99 -9.22
CA ASN C 11 17.00 -3.20 -9.91
C ASN C 11 16.87 -4.59 -10.54
N VAL C 12 17.99 -5.26 -10.84
CA VAL C 12 17.96 -6.52 -11.59
C VAL C 12 17.04 -7.56 -10.96
N LYS C 13 16.85 -7.52 -9.64
CA LYS C 13 15.95 -8.46 -8.97
C LYS C 13 14.56 -8.48 -9.60
N ASP C 14 14.09 -7.36 -10.15
CA ASP C 14 12.81 -7.29 -10.85
C ASP C 14 12.72 -8.20 -12.08
N VAL C 15 13.85 -8.59 -12.66
CA VAL C 15 13.82 -9.39 -13.89
C VAL C 15 12.93 -10.62 -13.74
N THR C 16 12.94 -11.27 -12.58
CA THR C 16 12.07 -12.43 -12.41
C THR C 16 10.60 -12.04 -12.46
N LYS C 17 10.23 -10.87 -11.91
CA LYS C 17 8.86 -10.42 -12.07
C LYS C 17 8.53 -10.21 -13.54
N LEU C 18 9.43 -9.56 -14.28
CA LEU C 18 9.13 -9.26 -15.67
C LEU C 18 8.91 -10.53 -16.49
N VAL C 19 9.75 -11.55 -16.26
CA VAL C 19 9.61 -12.79 -17.02
C VAL C 19 8.22 -13.40 -16.85
N ALA C 20 7.59 -13.20 -15.68
CA ALA C 20 6.23 -13.69 -15.50
C ALA C 20 5.20 -12.97 -16.37
N ASN C 21 5.38 -11.69 -16.68
CA ASN C 21 4.28 -10.88 -17.19
C ASN C 21 4.37 -10.68 -18.70
N LEU C 22 4.95 -11.64 -19.41
CA LEU C 22 5.08 -11.61 -20.86
C LEU C 22 4.61 -12.93 -21.48
N PRO C 23 3.97 -12.89 -22.65
CA PRO C 23 3.50 -14.15 -23.26
C PRO C 23 4.67 -15.08 -23.53
N LYS C 24 4.53 -16.33 -23.08
CA LYS C 24 5.65 -17.26 -23.17
C LYS C 24 6.04 -17.58 -24.61
N ASP C 25 5.22 -17.21 -25.60
CA ASP C 25 5.51 -17.45 -26.99
C ASP C 25 5.98 -16.21 -27.75
N TYR C 26 6.08 -15.07 -27.08
CA TYR C 26 6.56 -13.87 -27.76
C TYR C 26 8.04 -14.04 -28.13
N MET C 27 8.48 -13.32 -29.16
CA MET C 27 9.80 -13.54 -29.73
C MET C 27 10.65 -12.29 -29.75
N ILE C 28 11.93 -12.49 -29.40
CA ILE C 28 12.90 -11.44 -29.10
C ILE C 28 14.12 -11.76 -29.96
N THR C 29 14.82 -10.72 -30.43
CA THR C 29 15.81 -10.92 -31.47
C THR C 29 17.15 -10.32 -31.06
N LEU C 30 18.19 -11.16 -31.09
CA LEU C 30 19.48 -10.81 -30.51
C LEU C 30 20.59 -11.33 -31.41
N LYS C 31 21.65 -10.51 -31.55
CA LYS C 31 22.74 -10.80 -32.48
C LYS C 31 23.85 -11.59 -31.79
N TYR C 32 23.60 -12.90 -31.67
CA TYR C 32 24.25 -13.74 -30.65
C TYR C 32 25.69 -14.10 -31.03
N VAL C 33 26.64 -13.79 -30.16
CA VAL C 33 28.01 -14.29 -30.29
C VAL C 33 28.00 -15.82 -30.23
N PRO C 34 28.50 -16.52 -31.25
CA PRO C 34 28.62 -17.98 -31.13
C PRO C 34 29.63 -18.35 -30.05
N GLY C 35 29.30 -19.40 -29.29
CA GLY C 35 30.16 -19.83 -28.20
C GLY C 35 30.16 -18.95 -26.97
N MET C 36 29.22 -18.01 -26.85
CA MET C 36 29.05 -17.32 -25.57
C MET C 36 28.74 -18.29 -24.45
N ASP C 37 28.25 -19.48 -24.77
CA ASP C 37 28.08 -20.59 -23.84
C ASP C 37 29.38 -21.22 -23.36
N VAL C 38 30.55 -20.74 -23.79
CA VAL C 38 31.81 -21.32 -23.35
C VAL C 38 32.77 -20.21 -22.92
N LEU C 39 33.77 -20.62 -22.13
CA LEU C 39 34.83 -19.76 -21.64
C LEU C 39 35.67 -19.13 -22.74
N PRO C 40 36.50 -18.14 -22.41
CA PRO C 40 36.47 -17.40 -21.14
C PRO C 40 35.27 -16.46 -21.13
N SER C 41 35.09 -15.72 -20.03
CA SER C 41 34.26 -14.52 -20.06
C SER C 41 34.76 -13.51 -21.08
N HIS C 42 36.05 -13.18 -21.00
CA HIS C 42 36.51 -11.86 -21.43
C HIS C 42 36.34 -11.65 -22.93
N CYS C 43 36.43 -12.71 -23.73
CA CYS C 43 36.36 -12.50 -25.19
C CYS C 43 34.98 -12.02 -25.62
N TRP C 44 33.93 -12.76 -25.25
CA TRP C 44 32.59 -12.39 -25.67
C TRP C 44 32.01 -11.19 -24.91
N ILE C 45 32.38 -10.98 -23.63
CA ILE C 45 31.72 -9.94 -22.84
C ILE C 45 31.78 -8.57 -23.52
N SER C 46 32.94 -8.23 -24.11
CA SER C 46 33.09 -6.92 -24.74
C SER C 46 32.05 -6.68 -25.83
N GLU C 47 31.91 -7.60 -26.78
CA GLU C 47 30.90 -7.41 -27.83
C GLU C 47 29.49 -7.51 -27.26
N MET C 48 29.31 -8.41 -26.30
CA MET C 48 27.99 -8.80 -25.87
C MET C 48 27.23 -7.63 -25.24
N VAL C 49 27.90 -6.83 -24.41
CA VAL C 49 27.15 -5.72 -23.81
C VAL C 49 26.61 -4.75 -24.87
N VAL C 50 27.35 -4.53 -25.95
CA VAL C 50 26.83 -3.67 -27.02
C VAL C 50 25.55 -4.27 -27.60
N GLN C 51 25.62 -5.56 -27.95
CA GLN C 51 24.46 -6.16 -28.61
C GLN C 51 23.22 -6.05 -27.71
N LEU C 52 23.42 -6.31 -26.42
CA LEU C 52 22.30 -6.26 -25.47
C LEU C 52 21.68 -4.88 -25.43
N SER C 53 22.52 -3.83 -25.45
CA SER C 53 21.94 -2.49 -25.41
C SER C 53 20.98 -2.28 -26.55
N ASP C 54 21.38 -2.69 -27.76
CA ASP C 54 20.48 -2.48 -28.91
C ASP C 54 19.13 -3.18 -28.71
N SER C 55 19.19 -4.49 -28.47
CA SER C 55 17.93 -5.24 -28.46
C SER C 55 16.98 -4.72 -27.38
N LEU C 56 17.52 -4.45 -26.19
CA LEU C 56 16.68 -3.91 -25.12
C LEU C 56 16.02 -2.60 -25.53
N THR C 57 16.78 -1.73 -26.23
CA THR C 57 16.19 -0.44 -26.59
C THR C 57 14.92 -0.63 -27.40
N ASP C 58 14.97 -1.57 -28.34
CA ASP C 58 13.76 -1.73 -29.15
C ASP C 58 12.64 -2.36 -28.35
N LEU C 59 12.94 -3.28 -27.44
CA LEU C 59 11.85 -3.83 -26.64
C LEU C 59 11.15 -2.73 -25.83
N LEU C 60 11.92 -1.75 -25.34
CA LEU C 60 11.28 -0.61 -24.67
C LEU C 60 10.34 0.16 -25.59
N ASP C 61 10.64 0.20 -26.88
CA ASP C 61 9.74 0.93 -27.78
C ASP C 61 8.30 0.39 -27.81
N LYS C 62 8.04 -0.85 -27.39
CA LYS C 62 6.71 -1.45 -27.53
C LYS C 62 5.65 -0.90 -26.57
N PHE C 63 5.95 -0.87 -25.28
CA PHE C 63 4.88 -0.75 -24.28
C PHE C 63 4.41 0.70 -24.14
N SER C 64 3.60 0.96 -23.11
CA SER C 64 3.15 2.30 -22.78
C SER C 64 3.22 2.52 -21.27
N ASN C 65 3.34 3.79 -20.89
CA ASN C 65 3.61 4.15 -19.50
C ASN C 65 2.33 4.15 -18.68
N ILE C 66 2.42 3.75 -17.41
CA ILE C 66 1.23 3.68 -16.57
C ILE C 66 1.55 3.90 -15.09
N SER C 67 0.58 4.54 -14.41
CA SER C 67 0.84 5.37 -13.24
C SER C 67 0.95 4.59 -11.93
N GLU C 68 0.22 3.49 -11.78
CA GLU C 68 -0.19 2.99 -10.47
C GLU C 68 0.06 1.49 -10.36
N GLY C 69 1.13 1.12 -9.66
CA GLY C 69 1.68 -0.22 -9.71
C GLY C 69 2.78 -0.34 -10.76
N LEU C 70 3.56 -1.41 -10.62
CA LEU C 70 4.66 -1.64 -11.54
C LEU C 70 4.14 -1.97 -12.93
N SER C 71 4.99 -1.73 -13.93
CA SER C 71 4.68 -2.06 -15.30
C SER C 71 5.93 -2.57 -16.01
N ASN C 72 5.69 -3.29 -17.11
CA ASN C 72 6.79 -3.79 -17.92
C ASN C 72 7.68 -2.65 -18.39
N TYR C 73 7.05 -1.57 -18.83
CA TYR C 73 7.78 -0.41 -19.34
C TYR C 73 8.78 0.08 -18.30
N SER C 74 8.29 0.28 -17.08
CA SER C 74 9.10 0.85 -16.01
C SER C 74 10.34 0.00 -15.74
N ILE C 75 10.15 -1.30 -15.58
CA ILE C 75 11.27 -2.18 -15.25
C ILE C 75 12.30 -2.18 -16.38
N ILE C 76 11.80 -2.26 -17.62
CA ILE C 76 12.69 -2.32 -18.77
C ILE C 76 13.57 -1.07 -18.83
N ASP C 77 13.00 0.08 -18.48
CA ASP C 77 13.76 1.32 -18.56
C ASP C 77 15.02 1.26 -17.69
N LYS C 78 14.85 0.90 -16.42
CA LYS C 78 16.01 0.82 -15.53
C LYS C 78 17.03 -0.22 -15.99
N LEU C 79 16.56 -1.30 -16.63
CA LEU C 79 17.53 -2.23 -17.20
C LEU C 79 18.37 -1.56 -18.29
N VAL C 80 17.73 -0.74 -19.13
CA VAL C 80 18.50 -0.04 -20.15
C VAL C 80 19.55 0.87 -19.53
N ASN C 81 19.19 1.59 -18.48
CA ASN C 81 20.17 2.51 -17.89
C ASN C 81 21.40 1.76 -17.41
N ILE C 82 21.22 0.58 -16.82
CA ILE C 82 22.38 -0.18 -16.36
C ILE C 82 23.23 -0.63 -17.54
N VAL C 83 22.58 -1.25 -18.53
CA VAL C 83 23.31 -1.84 -19.65
C VAL C 83 24.08 -0.79 -20.43
N ASP C 84 23.60 0.45 -20.47
CA ASP C 84 24.39 1.55 -21.03
C ASP C 84 25.61 1.89 -20.16
N ASP C 85 25.41 2.05 -18.85
CA ASP C 85 26.58 2.39 -18.03
C ASP C 85 27.69 1.37 -18.19
N LEU C 86 27.36 0.08 -18.24
CA LEU C 86 28.44 -0.90 -18.43
C LEU C 86 29.18 -0.72 -19.74
N VAL C 87 28.50 -0.32 -20.81
CA VAL C 87 29.21 -0.05 -22.06
C VAL C 87 30.21 1.09 -21.85
N GLU C 88 29.78 2.16 -21.18
CA GLU C 88 30.73 3.25 -20.94
C GLU C 88 31.89 2.79 -20.07
N CYS C 89 31.63 1.90 -19.11
CA CYS C 89 32.68 1.43 -18.22
C CYS C 89 33.68 0.56 -18.97
N VAL C 90 33.19 -0.43 -19.72
CA VAL C 90 34.10 -1.33 -20.43
C VAL C 90 34.86 -0.57 -21.51
N LYS C 91 34.14 0.18 -22.35
CA LYS C 91 34.79 0.91 -23.43
C LYS C 91 35.79 1.94 -22.92
N GLU C 92 35.65 2.45 -21.68
CA GLU C 92 36.61 3.41 -21.17
C GLU C 92 37.38 2.91 -19.94
N ASN C 93 37.43 1.59 -19.75
CA ASN C 93 38.35 0.99 -18.79
C ASN C 93 39.20 -0.05 -19.51
N SER C 94 38.53 -0.94 -20.24
CA SER C 94 39.20 -1.92 -21.08
C SER C 94 39.94 -1.21 -22.22
N SER C 104 29.56 -8.34 -35.78
CA SER C 104 28.10 -8.43 -35.81
C SER C 104 27.71 -9.89 -36.04
N PRO C 105 27.57 -10.66 -34.97
CA PRO C 105 26.95 -11.98 -35.08
C PRO C 105 25.53 -11.93 -35.59
N GLU C 106 25.05 -13.10 -36.05
CA GLU C 106 23.77 -13.20 -36.73
C GLU C 106 22.56 -12.98 -35.82
N PRO C 107 21.48 -12.42 -36.37
CA PRO C 107 20.26 -12.18 -35.57
C PRO C 107 19.53 -13.49 -35.27
N ARG C 108 19.17 -13.70 -34.02
CA ARG C 108 18.62 -14.98 -33.59
C ARG C 108 17.50 -14.73 -32.58
N LEU C 109 16.59 -15.71 -32.49
CA LEU C 109 15.27 -15.50 -31.92
C LEU C 109 15.07 -16.40 -30.71
N PHE C 110 14.52 -15.81 -29.65
CA PHE C 110 14.40 -16.45 -28.35
C PHE C 110 13.04 -16.15 -27.75
N THR C 111 12.50 -17.12 -27.04
CA THR C 111 11.46 -16.83 -26.07
C THR C 111 12.08 -16.15 -24.85
N PRO C 112 11.29 -15.38 -24.09
CA PRO C 112 11.88 -14.60 -22.99
C PRO C 112 12.67 -15.42 -21.99
N GLU C 113 12.20 -16.60 -21.58
CA GLU C 113 12.95 -17.37 -20.58
C GLU C 113 14.39 -17.68 -21.03
N GLU C 114 14.56 -18.08 -22.29
CA GLU C 114 15.90 -18.34 -22.81
C GLU C 114 16.72 -17.06 -22.81
N PHE C 115 16.13 -15.99 -23.33
CA PHE C 115 16.83 -14.73 -23.49
C PHE C 115 17.34 -14.25 -22.14
N PHE C 116 16.47 -14.21 -21.14
CA PHE C 116 16.89 -13.69 -19.85
C PHE C 116 17.90 -14.61 -19.17
N ARG C 117 17.84 -15.93 -19.41
CA ARG C 117 18.95 -16.76 -18.93
C ARG C 117 20.28 -16.23 -19.45
N ILE C 118 20.31 -15.82 -20.73
CA ILE C 118 21.53 -15.23 -21.28
C ILE C 118 21.88 -13.95 -20.53
N PHE C 119 20.88 -13.07 -20.38
CA PHE C 119 21.15 -11.76 -19.80
C PHE C 119 21.74 -11.88 -18.40
N ASN C 120 21.11 -12.67 -17.54
CA ASN C 120 21.61 -12.77 -16.17
C ASN C 120 23.02 -13.36 -16.14
N ARG C 121 23.27 -14.38 -16.96
CA ARG C 121 24.64 -14.91 -17.00
C ARG C 121 25.64 -13.83 -17.36
N SER C 122 25.24 -12.94 -18.29
CA SER C 122 26.13 -11.87 -18.72
C SER C 122 26.44 -10.92 -17.58
N ILE C 123 25.41 -10.48 -16.85
CA ILE C 123 25.66 -9.59 -15.72
C ILE C 123 26.55 -10.27 -14.69
N ASP C 124 26.23 -11.52 -14.33
CA ASP C 124 26.99 -12.23 -13.32
C ASP C 124 28.41 -12.51 -13.75
N ALA C 125 28.78 -12.22 -15.01
CA ALA C 125 30.20 -12.22 -15.35
C ALA C 125 30.95 -11.08 -14.65
N PHE C 126 30.37 -9.88 -14.60
CA PHE C 126 30.89 -8.86 -13.70
C PHE C 126 30.71 -9.26 -12.24
N LYS C 127 31.39 -8.52 -11.36
CA LYS C 127 31.75 -8.95 -10.00
C LYS C 127 32.77 -10.08 -10.01
N ASP C 128 33.44 -10.28 -11.13
CA ASP C 128 34.71 -10.98 -11.21
C ASP C 128 35.33 -10.56 -12.52
N PHE C 129 36.59 -10.14 -12.51
CA PHE C 129 37.12 -9.49 -13.71
C PHE C 129 38.65 -9.42 -13.65
N VAL C 130 39.23 -8.97 -14.77
CA VAL C 130 40.64 -8.60 -14.82
C VAL C 130 40.93 -7.45 -13.88
N ILE D 3 -31.84 -6.89 -18.62
CA ILE D 3 -31.68 -8.20 -17.91
C ILE D 3 -30.26 -8.74 -18.04
N CYS D 4 -29.83 -9.38 -16.96
CA CYS D 4 -28.49 -9.88 -16.69
C CYS D 4 -27.48 -8.78 -16.35
N ARG D 5 -27.87 -7.50 -16.39
CA ARG D 5 -26.90 -6.41 -16.33
C ARG D 5 -26.00 -6.50 -15.09
N ASN D 6 -26.56 -7.00 -14.00
CA ASN D 6 -25.86 -7.18 -12.73
C ASN D 6 -24.76 -8.25 -12.75
N ARG D 7 -24.73 -9.13 -13.75
CA ARG D 7 -23.64 -10.10 -13.77
C ARG D 7 -22.30 -9.49 -14.12
N VAL D 8 -22.27 -8.35 -14.81
CA VAL D 8 -21.02 -7.68 -15.16
C VAL D 8 -20.56 -6.86 -13.96
N THR D 9 -19.74 -7.48 -13.11
CA THR D 9 -19.06 -6.74 -12.06
C THR D 9 -18.18 -5.64 -12.65
N ASN D 10 -17.90 -4.63 -11.83
CA ASN D 10 -17.25 -3.40 -12.30
C ASN D 10 -15.81 -3.61 -12.77
N ASN D 11 -15.24 -4.81 -12.59
CA ASN D 11 -13.82 -5.03 -12.79
C ASN D 11 -13.34 -4.56 -14.16
N VAL D 12 -14.23 -4.54 -15.14
CA VAL D 12 -13.91 -4.21 -16.54
C VAL D 12 -13.01 -2.98 -16.69
N LYS D 13 -13.05 -2.04 -15.75
CA LYS D 13 -12.14 -0.90 -15.82
C LYS D 13 -10.68 -1.30 -15.99
N ASP D 14 -10.29 -2.44 -15.40
CA ASP D 14 -8.95 -2.97 -15.57
C ASP D 14 -8.53 -3.17 -17.03
N VAL D 15 -9.49 -3.35 -17.94
CA VAL D 15 -9.16 -3.54 -19.35
C VAL D 15 -8.20 -2.48 -19.88
N THR D 16 -8.34 -1.23 -19.46
CA THR D 16 -7.39 -0.23 -19.92
C THR D 16 -5.98 -0.52 -19.41
N LYS D 17 -5.85 -0.91 -18.14
CA LYS D 17 -4.53 -1.33 -17.66
C LYS D 17 -3.99 -2.48 -18.48
N LEU D 18 -4.81 -3.50 -18.72
CA LEU D 18 -4.33 -4.70 -19.39
C LEU D 18 -3.82 -4.37 -20.79
N VAL D 19 -4.52 -3.51 -21.53
CA VAL D 19 -4.09 -3.23 -22.90
C VAL D 19 -2.64 -2.75 -22.89
N ALA D 20 -2.36 -1.78 -22.04
CA ALA D 20 -1.06 -1.12 -21.97
C ALA D 20 0.12 -2.07 -21.77
N ASN D 21 -0.07 -3.20 -21.09
CA ASN D 21 1.06 -4.09 -20.82
C ASN D 21 1.25 -5.23 -21.82
N LEU D 22 0.48 -5.28 -22.90
CA LEU D 22 0.75 -6.33 -23.89
C LEU D 22 1.47 -5.76 -25.10
N PRO D 23 2.48 -6.46 -25.63
CA PRO D 23 3.16 -5.98 -26.83
C PRO D 23 2.19 -5.62 -27.96
N LYS D 24 2.35 -4.40 -28.46
CA LYS D 24 1.50 -3.82 -29.50
C LYS D 24 1.54 -4.53 -30.84
N ASP D 25 2.39 -5.54 -31.01
CA ASP D 25 2.33 -6.40 -32.19
C ASP D 25 2.17 -7.87 -31.86
N TYR D 26 1.88 -8.23 -30.62
CA TYR D 26 1.39 -9.56 -30.35
C TYR D 26 0.05 -9.72 -31.07
N MET D 27 -0.30 -10.97 -31.37
CA MET D 27 -1.51 -11.21 -32.15
C MET D 27 -2.44 -12.19 -31.46
N ILE D 28 -3.73 -11.91 -31.60
CA ILE D 28 -4.80 -12.57 -30.87
C ILE D 28 -5.83 -13.02 -31.90
N THR D 29 -6.46 -14.17 -31.63
CA THR D 29 -7.13 -14.91 -32.69
C THR D 29 -8.57 -15.18 -32.29
N LEU D 30 -9.48 -14.88 -33.21
CA LEU D 30 -10.90 -14.86 -32.91
C LEU D 30 -11.66 -15.29 -34.16
N LYS D 31 -12.75 -16.02 -33.98
CA LYS D 31 -13.72 -16.20 -35.05
C LYS D 31 -14.71 -15.04 -34.97
N TYR D 32 -14.84 -14.29 -36.06
CA TYR D 32 -15.49 -12.99 -36.01
C TYR D 32 -16.77 -13.03 -36.83
N VAL D 33 -17.89 -12.70 -36.22
CA VAL D 33 -19.18 -12.72 -36.93
C VAL D 33 -19.23 -11.59 -37.96
N PRO D 34 -19.36 -11.90 -39.26
CA PRO D 34 -19.38 -10.83 -40.26
C PRO D 34 -20.56 -9.91 -40.07
N GLY D 35 -20.37 -8.63 -40.41
CA GLY D 35 -21.43 -7.65 -40.34
C GLY D 35 -21.93 -7.32 -38.94
N MET D 36 -21.37 -7.95 -37.90
CA MET D 36 -21.81 -7.67 -36.53
C MET D 36 -21.61 -6.21 -36.16
N ASP D 37 -20.71 -5.51 -36.84
CA ASP D 37 -20.54 -4.07 -36.64
C ASP D 37 -21.78 -3.28 -37.05
N VAL D 38 -22.66 -3.87 -37.87
CA VAL D 38 -23.67 -3.13 -38.62
C VAL D 38 -25.07 -3.47 -38.12
N LEU D 39 -25.39 -4.76 -38.04
CA LEU D 39 -26.74 -5.21 -37.74
C LEU D 39 -27.13 -4.90 -36.30
N PRO D 40 -28.43 -4.79 -36.01
CA PRO D 40 -28.87 -4.58 -34.64
C PRO D 40 -28.41 -5.69 -33.69
N SER D 41 -28.21 -5.30 -32.43
CA SER D 41 -27.46 -6.10 -31.46
C SER D 41 -27.91 -7.55 -31.41
N HIS D 42 -29.22 -7.75 -31.26
CA HIS D 42 -29.83 -9.03 -30.92
C HIS D 42 -29.61 -10.10 -31.97
N CYS D 43 -29.13 -9.74 -33.16
CA CYS D 43 -28.76 -10.76 -34.15
C CYS D 43 -27.45 -11.45 -33.77
N TRP D 44 -26.35 -10.68 -33.76
CA TRP D 44 -25.00 -11.23 -33.60
C TRP D 44 -24.66 -11.66 -32.16
N ILE D 45 -25.25 -11.00 -31.15
CA ILE D 45 -24.71 -11.11 -29.80
C ILE D 45 -24.57 -12.56 -29.33
N SER D 46 -25.52 -13.42 -29.70
CA SER D 46 -25.53 -14.79 -29.18
C SER D 46 -24.29 -15.56 -29.58
N GLU D 47 -23.95 -15.56 -30.87
CA GLU D 47 -22.74 -16.27 -31.32
C GLU D 47 -21.48 -15.61 -30.75
N MET D 48 -21.44 -14.29 -30.81
CA MET D 48 -20.24 -13.58 -30.38
C MET D 48 -19.83 -13.96 -28.96
N VAL D 49 -20.79 -13.91 -28.03
CA VAL D 49 -20.40 -14.08 -26.64
C VAL D 49 -19.80 -15.46 -26.38
N VAL D 50 -20.23 -16.50 -27.11
CA VAL D 50 -19.54 -17.79 -27.02
C VAL D 50 -18.09 -17.64 -27.45
N GLN D 51 -17.89 -17.02 -28.62
CA GLN D 51 -16.54 -17.03 -29.20
C GLN D 51 -15.55 -16.37 -28.26
N LEU D 52 -15.98 -15.28 -27.62
CA LEU D 52 -15.10 -14.59 -26.69
C LEU D 52 -14.60 -15.52 -25.59
N SER D 53 -15.52 -16.28 -24.98
CA SER D 53 -15.13 -17.12 -23.87
C SER D 53 -14.08 -18.13 -24.31
N ASP D 54 -14.26 -18.72 -25.49
CA ASP D 54 -13.25 -19.63 -26.00
C ASP D 54 -11.90 -18.93 -26.13
N SER D 55 -11.87 -17.84 -26.90
CA SER D 55 -10.59 -17.19 -27.20
C SER D 55 -9.85 -16.82 -25.93
N LEU D 56 -10.58 -16.28 -24.96
CA LEU D 56 -9.97 -15.85 -23.71
C LEU D 56 -9.36 -17.03 -22.96
N THR D 57 -10.10 -18.13 -22.84
CA THR D 57 -9.51 -19.26 -22.13
C THR D 57 -8.24 -19.75 -22.81
N ASP D 58 -8.15 -19.64 -24.14
CA ASP D 58 -6.88 -19.94 -24.78
C ASP D 58 -5.79 -18.96 -24.32
N LEU D 59 -6.08 -17.67 -24.36
CA LEU D 59 -5.08 -16.66 -24.00
C LEU D 59 -4.56 -16.83 -22.58
N LEU D 60 -5.44 -17.23 -21.66
CA LEU D 60 -5.05 -17.41 -20.26
C LEU D 60 -3.88 -18.37 -20.05
N ASP D 61 -3.77 -19.41 -20.88
CA ASP D 61 -2.63 -20.33 -20.75
C ASP D 61 -1.29 -19.62 -20.83
N LYS D 62 -1.20 -18.54 -21.60
CA LYS D 62 0.10 -17.95 -21.95
C LYS D 62 0.83 -17.29 -20.78
N PHE D 63 0.13 -16.74 -19.79
CA PHE D 63 0.84 -16.06 -18.71
C PHE D 63 1.10 -16.98 -17.50
N SER D 64 1.84 -16.46 -16.53
CA SER D 64 2.11 -17.15 -15.26
C SER D 64 1.75 -16.28 -14.07
N ASN D 65 1.18 -16.91 -13.04
CA ASN D 65 0.76 -16.20 -11.84
C ASN D 65 1.95 -15.68 -11.04
N ILE D 66 1.77 -14.52 -10.41
CA ILE D 66 2.55 -14.14 -9.24
C ILE D 66 1.59 -13.57 -8.19
N SER D 67 2.06 -13.58 -6.93
CA SER D 67 1.26 -13.09 -5.81
C SER D 67 1.23 -11.56 -5.76
N GLU D 68 2.36 -10.90 -5.98
CA GLU D 68 2.45 -9.46 -5.84
C GLU D 68 1.67 -8.73 -6.93
N GLY D 69 0.88 -7.74 -6.51
CA GLY D 69 0.23 -6.80 -7.41
C GLY D 69 -0.74 -7.42 -8.39
N LEU D 70 -0.87 -6.77 -9.54
CA LEU D 70 -1.83 -7.14 -10.58
C LEU D 70 -1.07 -7.67 -11.79
N SER D 71 -0.73 -8.96 -11.73
CA SER D 71 -0.29 -9.65 -12.93
C SER D 71 -1.41 -9.63 -13.97
N ASN D 72 -1.02 -9.77 -15.23
CA ASN D 72 -2.01 -9.95 -16.29
C ASN D 72 -2.87 -11.19 -16.03
N TYR D 73 -2.23 -12.25 -15.53
CA TYR D 73 -2.92 -13.50 -15.25
C TYR D 73 -4.12 -13.32 -14.32
N SER D 74 -4.00 -12.45 -13.32
CA SER D 74 -5.11 -12.21 -12.40
C SER D 74 -6.30 -11.62 -13.12
N ILE D 75 -6.06 -10.54 -13.87
CA ILE D 75 -7.14 -9.82 -14.51
C ILE D 75 -7.88 -10.73 -15.46
N ILE D 76 -7.12 -11.43 -16.30
CA ILE D 76 -7.76 -12.28 -17.31
C ILE D 76 -8.60 -13.35 -16.62
N ASP D 77 -8.07 -13.92 -15.53
CA ASP D 77 -8.80 -14.96 -14.83
C ASP D 77 -10.17 -14.48 -14.37
N LYS D 78 -10.26 -13.22 -13.94
CA LYS D 78 -11.56 -12.66 -13.54
C LYS D 78 -12.50 -12.44 -14.72
N LEU D 79 -11.98 -11.89 -15.82
CA LEU D 79 -12.85 -11.62 -16.96
C LEU D 79 -13.51 -12.89 -17.49
N VAL D 80 -12.77 -14.01 -17.48
CA VAL D 80 -13.38 -15.27 -17.91
C VAL D 80 -14.63 -15.58 -17.08
N ASN D 81 -14.54 -15.38 -15.76
CA ASN D 81 -15.69 -15.63 -14.89
C ASN D 81 -16.86 -14.73 -15.24
N ILE D 82 -16.62 -13.51 -15.71
CA ILE D 82 -17.77 -12.71 -16.11
C ILE D 82 -18.45 -13.30 -17.36
N VAL D 83 -17.66 -13.54 -18.41
CA VAL D 83 -18.29 -13.87 -19.68
C VAL D 83 -19.05 -15.20 -19.59
N ASP D 84 -18.51 -16.17 -18.86
CA ASP D 84 -19.22 -17.45 -18.80
C ASP D 84 -20.62 -17.31 -18.25
N ASP D 85 -20.80 -16.47 -17.23
CA ASP D 85 -22.12 -16.34 -16.67
C ASP D 85 -23.02 -15.52 -17.56
N LEU D 86 -22.46 -14.64 -18.40
CA LEU D 86 -23.32 -14.07 -19.44
C LEU D 86 -23.83 -15.18 -20.37
N VAL D 87 -22.98 -16.15 -20.70
CA VAL D 87 -23.42 -17.20 -21.61
C VAL D 87 -24.62 -17.92 -21.01
N GLU D 88 -24.47 -18.35 -19.75
CA GLU D 88 -25.57 -19.02 -19.08
C GLU D 88 -26.81 -18.14 -19.02
N CYS D 89 -26.64 -16.85 -18.72
CA CYS D 89 -27.77 -15.95 -18.60
C CYS D 89 -28.54 -15.84 -19.91
N VAL D 90 -27.84 -15.74 -21.05
CA VAL D 90 -28.53 -15.67 -22.35
C VAL D 90 -29.16 -17.03 -22.69
N LYS D 91 -28.39 -18.10 -22.57
CA LYS D 91 -28.88 -19.45 -22.82
C LYS D 91 -30.10 -19.80 -21.98
N GLU D 92 -30.29 -19.16 -20.83
CA GLU D 92 -31.42 -19.45 -19.95
C GLU D 92 -32.46 -18.35 -19.85
N ASN D 93 -32.22 -17.17 -20.38
CA ASN D 93 -33.19 -16.08 -20.38
C ASN D 93 -33.70 -15.73 -21.76
N SER D 94 -32.84 -15.71 -22.77
CA SER D 94 -33.33 -15.77 -24.14
C SER D 94 -33.84 -17.17 -24.47
N SER D 95 -33.16 -18.20 -23.99
CA SER D 95 -33.63 -19.58 -24.12
C SER D 95 -33.94 -19.94 -25.58
N LYS D 103 -23.81 -19.85 -38.50
CA LYS D 103 -22.72 -20.81 -38.65
C LYS D 103 -21.38 -20.18 -38.30
N SER D 104 -20.41 -21.02 -37.94
CA SER D 104 -19.11 -20.56 -37.47
C SER D 104 -18.45 -19.62 -38.50
N PRO D 105 -18.08 -18.40 -38.10
CA PRO D 105 -17.31 -17.54 -39.01
C PRO D 105 -15.90 -18.08 -39.28
N GLU D 106 -15.21 -17.39 -40.17
CA GLU D 106 -13.79 -17.65 -40.43
C GLU D 106 -12.91 -17.18 -39.27
N PRO D 107 -11.78 -17.86 -39.02
CA PRO D 107 -10.80 -17.35 -38.06
C PRO D 107 -10.17 -16.06 -38.54
N ARG D 108 -9.79 -15.22 -37.58
CA ARG D 108 -9.39 -13.85 -37.84
C ARG D 108 -8.35 -13.45 -36.80
N LEU D 109 -7.51 -12.48 -37.16
CA LEU D 109 -6.43 -12.02 -36.29
C LEU D 109 -6.58 -10.53 -35.98
N PHE D 110 -6.22 -10.16 -34.75
CA PHE D 110 -6.40 -8.80 -34.27
C PHE D 110 -5.21 -8.39 -33.41
N THR D 111 -4.86 -7.11 -33.50
CA THR D 111 -3.93 -6.52 -32.55
C THR D 111 -4.66 -6.27 -31.24
N PRO D 112 -3.94 -6.12 -30.13
CA PRO D 112 -4.63 -6.09 -28.83
C PRO D 112 -5.67 -4.97 -28.74
N GLU D 113 -5.27 -3.74 -29.08
CA GLU D 113 -6.14 -2.59 -28.90
C GLU D 113 -7.52 -2.84 -29.51
N GLU D 114 -7.53 -3.19 -30.80
CA GLU D 114 -8.77 -3.45 -31.52
C GLU D 114 -9.57 -4.57 -30.87
N PHE D 115 -8.89 -5.68 -30.55
CA PHE D 115 -9.60 -6.84 -30.06
C PHE D 115 -10.39 -6.46 -28.81
N PHE D 116 -9.73 -5.79 -27.87
CA PHE D 116 -10.44 -5.36 -26.68
C PHE D 116 -11.55 -4.39 -27.01
N ARG D 117 -11.40 -3.58 -28.06
CA ARG D 117 -12.51 -2.69 -28.43
C ARG D 117 -13.75 -3.51 -28.77
N ILE D 118 -13.58 -4.58 -29.55
CA ILE D 118 -14.71 -5.45 -29.91
C ILE D 118 -15.35 -6.00 -28.65
N PHE D 119 -14.51 -6.48 -27.73
CA PHE D 119 -15.03 -7.01 -26.47
C PHE D 119 -15.85 -5.95 -25.74
N ASN D 120 -15.29 -4.75 -25.63
CA ASN D 120 -15.91 -3.72 -24.78
C ASN D 120 -17.28 -3.33 -25.32
N ARG D 121 -17.38 -3.15 -26.64
CA ARG D 121 -18.68 -2.87 -27.23
C ARG D 121 -19.65 -4.02 -27.00
N SER D 122 -19.15 -5.25 -27.00
CA SER D 122 -20.03 -6.39 -26.74
C SER D 122 -20.62 -6.30 -25.34
N ILE D 123 -19.81 -5.95 -24.35
CA ILE D 123 -20.36 -5.75 -23.00
C ILE D 123 -21.43 -4.66 -23.02
N ASP D 124 -21.10 -3.53 -23.65
CA ASP D 124 -22.03 -2.40 -23.63
C ASP D 124 -23.40 -2.76 -24.16
N ALA D 125 -23.47 -3.70 -25.12
CA ALA D 125 -24.77 -4.11 -25.64
C ALA D 125 -25.76 -4.59 -24.57
N PHE D 126 -25.29 -5.17 -23.46
CA PHE D 126 -26.21 -5.60 -22.40
C PHE D 126 -26.79 -4.47 -21.56
N LYS D 127 -26.12 -3.33 -21.44
CA LYS D 127 -26.68 -2.29 -20.58
C LYS D 127 -28.05 -1.79 -21.05
N ASP D 128 -28.51 -2.20 -22.24
CA ASP D 128 -29.95 -2.21 -22.51
C ASP D 128 -30.29 -3.27 -23.56
N PHE D 129 -30.87 -4.39 -23.12
CA PHE D 129 -31.17 -5.53 -23.98
C PHE D 129 -32.49 -6.21 -23.61
N VAL D 130 -33.38 -6.36 -24.60
CA VAL D 130 -34.63 -7.09 -24.42
C VAL D 130 -34.37 -8.47 -23.82
C1 NAG E . 34.42 18.20 6.73
C2 NAG E . 35.42 18.81 5.74
C3 NAG E . 35.85 20.17 6.15
C4 NAG E . 34.70 21.11 6.37
C5 NAG E . 33.55 20.50 7.19
C6 NAG E . 32.30 21.28 6.91
C7 NAG E . 36.67 16.83 4.69
C8 NAG E . 37.92 15.94 4.61
N2 NAG E . 36.63 17.93 5.65
O3 NAG E . 36.72 20.71 5.12
O4 NAG E . 35.15 22.25 7.11
O5 NAG E . 33.23 19.09 6.90
O6 NAG E . 31.70 20.75 5.76
O7 NAG E . 35.75 16.63 3.96
C1 NAG E . 35.67 23.30 6.29
C2 NAG E . 35.53 24.62 7.03
C3 NAG E . 36.14 25.76 6.28
C4 NAG E . 37.59 25.49 6.03
C5 NAG E . 37.77 24.19 5.25
C6 NAG E . 39.23 23.86 5.15
C7 NAG E . 33.11 25.09 6.25
C8 NAG E . 31.65 25.39 6.62
N2 NAG E . 34.09 24.92 7.33
O3 NAG E . 36.00 26.98 7.06
O4 NAG E . 38.16 26.57 5.30
O5 NAG E . 37.09 23.03 5.87
O6 NAG E . 39.38 22.58 4.59
O7 NAG E . 33.43 25.00 5.11
C1 NAG F . -36.64 -15.94 -3.22
C2 NAG F . -38.11 -15.67 -2.86
C3 NAG F . -39.09 -15.84 -3.96
C4 NAG F . -38.64 -15.12 -5.19
C5 NAG F . -37.37 -15.82 -5.69
C6 NAG F . -36.83 -15.09 -6.90
C7 NAG F . -38.10 -18.05 -1.84
C8 NAG F . -38.41 -18.98 -0.68
N2 NAG F . -38.40 -16.61 -1.73
O3 NAG F . -40.38 -15.33 -3.54
O4 NAG F . -39.60 -15.25 -6.26
O5 NAG F . -36.29 -15.90 -4.69
O6 NAG F . -35.51 -15.48 -7.12
O7 NAG F . -37.63 -18.49 -2.85
C1 NAG F . -40.72 -14.33 -6.26
C2 NAG F . -40.31 -12.88 -6.02
C3 NAG F . -41.30 -11.85 -6.45
C4 NAG F . -41.95 -12.13 -7.77
C5 NAG F . -42.53 -13.55 -7.79
C6 NAG F . -43.16 -13.82 -9.11
C7 NAG F . -39.31 -11.63 -3.99
C8 NAG F . -39.17 -11.50 -2.47
N2 NAG F . -40.13 -12.71 -4.54
O3 NAG F . -40.65 -10.55 -6.52
O4 NAG F . -43.01 -11.19 -7.99
O5 NAG F . -41.46 -14.53 -7.56
O6 NAG F . -43.46 -15.19 -9.21
O7 NAG F . -38.77 -10.86 -4.72
C1 NAG G . -35.46 -11.92 8.60
C2 NAG G . -36.33 -11.52 9.74
C3 NAG G . -36.11 -12.68 10.63
C4 NAG G . -37.22 -13.58 10.15
C5 NAG G . -37.13 -13.80 8.63
C6 NAG G . -38.53 -13.83 8.07
C7 NAG G . -36.36 -9.54 11.50
C8 NAG G . -36.40 -8.01 11.65
N2 NAG G . -36.31 -10.07 10.15
O3 NAG G . -36.10 -12.45 12.06
O4 NAG G . -37.21 -14.88 10.77
O5 NAG G . -36.36 -12.83 7.81
O6 NAG G . -39.12 -12.56 8.17
O7 NAG G . -36.35 -10.23 12.45
C1 NAG G . -37.63 -14.81 12.14
C2 NAG G . -38.63 -15.91 12.46
C3 NAG G . -39.01 -15.91 13.90
C4 NAG G . -37.78 -16.06 14.75
C5 NAG G . -36.74 -14.98 14.46
C6 NAG G . -35.47 -15.32 15.19
C7 NAG G . -40.67 -14.56 11.59
C8 NAG G . -41.92 -14.51 10.70
N2 NAG G . -39.87 -15.79 11.62
O3 NAG G . -39.91 -17.02 14.16
O4 NAG G . -38.16 -15.98 16.13
O5 NAG G . -36.43 -14.86 13.03
O6 NAG G . -34.88 -16.45 14.61
O7 NAG G . -40.36 -13.62 12.24
C1 NAG H . 38.31 12.13 -5.64
C2 NAG H . 39.31 13.24 -5.34
C3 NAG H . 40.67 12.87 -5.78
C4 NAG H . 41.18 11.68 -5.04
C5 NAG H . 40.24 10.48 -5.12
C6 NAG H . 40.48 9.56 -3.96
C7 NAG H . 38.55 14.44 -7.49
C8 NAG H . 38.11 15.73 -8.20
N2 NAG H . 38.87 14.48 -6.06
O3 NAG H . 41.58 13.98 -5.58
O4 NAG H . 42.42 11.28 -5.61
O5 NAG H . 38.79 10.79 -5.17
O6 NAG H . 40.50 10.28 -2.76
O7 NAG H . 38.63 13.42 -8.09
#